data_7R5T
#
_entry.id   7R5T
#
_cell.length_a   69.559
_cell.length_b   54.329
_cell.length_c   101.795
_cell.angle_alpha   90.000
_cell.angle_beta   99.970
_cell.angle_gamma   90.000
#
_symmetry.space_group_name_H-M   'P 1 21 1'
#
loop_
_entity.id
_entity.type
_entity.pdbx_description
1 polymer 'Lactaldehyde reductase'
2 non-polymer '1,4-DIHYDRONICOTINAMIDE ADENINE DINUCLEOTIDE'
3 non-polymer ADENOSINE-5-DIPHOSPHORIBOSE
4 non-polymer 'FE (III) ION'
5 non-polymer GLYCEROL
6 water water
#
_entity_poly.entity_id   1
_entity_poly.type   'polypeptide(L)'
_entity_poly.pdbx_seq_one_letter_code
;MMANRMILNETAWFGRGAVGALTDEVKRRGYQKALIVTDKTLVQCGVVAKVTDKMDAAGLAWAIYDGVVPNPTITVVKEG
LGVFQNSGADYLIAIGGGSPQDTCKAIGIISNNPEFADVRSLEGLSPTNKPSVPILAIPTTAGTAAEVTINYVITDEEKR
RKFVCVDPHDIPQVAFIDADMMDGMPPALKAATGVDALTHAIEGYITRGAWALTDALHIKAIEIIAGALRGSVAGDKDAG
EEMALGQYVAGMGISNVGLGLVHGMAHPLGAFYNTPHGVANAILLPHVMRYNADFTGEKYRDIARVMGVKVEGMSLEEAR
NAAVEAVFALNRDVGIPPHLRDVGVRKEDIPALAQAALDDVCTGGNPREATLEDIVELYHTAWTSHHHHH
;
_entity_poly.pdbx_strand_id   AAA,BBB
#
# COMPACT_ATOMS: atom_id res chain seq x y z
N ALA A 3 -2.39 -10.67 14.67
CA ALA A 3 -1.74 -10.05 13.47
C ALA A 3 -2.77 -9.24 12.70
N ASN A 4 -2.32 -8.22 11.96
CA ASN A 4 -3.16 -7.31 11.16
C ASN A 4 -2.94 -7.60 9.67
N ARG A 5 -4.01 -7.74 8.90
CA ARG A 5 -3.92 -8.00 7.44
C ARG A 5 -4.19 -6.68 6.71
N MET A 6 -3.41 -6.44 5.65
CA MET A 6 -3.56 -5.34 4.68
C MET A 6 -3.74 -5.95 3.29
N ILE A 7 -4.90 -5.71 2.69
CA ILE A 7 -5.19 -5.99 1.24
C ILE A 7 -5.20 -4.64 0.52
N LEU A 8 -4.45 -4.57 -0.57
CA LEU A 8 -4.27 -3.36 -1.41
C LEU A 8 -4.33 -3.79 -2.87
N ASN A 9 -4.36 -2.82 -3.79
CA ASN A 9 -4.19 -3.12 -5.24
C ASN A 9 -2.74 -3.54 -5.44
N GLU A 10 -2.55 -4.66 -6.14
CA GLU A 10 -1.20 -5.10 -6.56
C GLU A 10 -0.57 -4.01 -7.45
N THR A 11 -1.36 -3.41 -8.35
CA THR A 11 -0.91 -2.35 -9.30
C THR A 11 -1.89 -1.17 -9.22
N ALA A 12 -1.37 0.06 -9.14
CA ALA A 12 -2.18 1.30 -9.18
C ALA A 12 -1.37 2.37 -9.93
N TRP A 13 -2.05 3.12 -10.79
CA TRP A 13 -1.48 4.27 -11.54
C TRP A 13 -2.10 5.55 -11.00
N PHE A 14 -1.29 6.56 -10.69
CA PHE A 14 -1.74 7.82 -10.06
C PHE A 14 -1.32 9.00 -10.93
N GLY A 15 -2.27 9.90 -11.19
CA GLY A 15 -2.02 11.24 -11.74
C GLY A 15 -2.86 11.50 -12.96
N ARG A 16 -2.95 12.76 -13.37
CA ARG A 16 -3.66 13.15 -14.60
C ARG A 16 -3.02 12.39 -15.75
N GLY A 17 -3.82 11.73 -16.58
CA GLY A 17 -3.34 10.87 -17.68
C GLY A 17 -3.12 9.42 -17.27
N ALA A 18 -3.42 9.02 -16.03
CA ALA A 18 -3.23 7.62 -15.57
C ALA A 18 -3.99 6.62 -16.47
N VAL A 19 -5.17 6.97 -17.02
CA VAL A 19 -5.96 6.02 -17.87
C VAL A 19 -5.18 5.68 -19.15
N GLY A 20 -4.20 6.50 -19.54
CA GLY A 20 -3.29 6.24 -20.67
C GLY A 20 -2.46 4.97 -20.48
N ALA A 21 -2.34 4.46 -19.25
CA ALA A 21 -1.61 3.22 -18.93
C ALA A 21 -2.46 1.99 -19.24
N LEU A 22 -3.78 2.14 -19.41
CA LEU A 22 -4.74 0.99 -19.38
C LEU A 22 -4.49 0.05 -20.58
N THR A 23 -4.28 0.55 -21.80
CA THR A 23 -4.20 -0.35 -22.99
C THR A 23 -2.97 -1.26 -22.87
N ASP A 24 -1.83 -0.73 -22.40
CA ASP A 24 -0.59 -1.54 -22.22
C ASP A 24 -0.80 -2.55 -21.07
N GLU A 25 -1.55 -2.21 -20.00
CA GLU A 25 -1.84 -3.15 -18.90
C GLU A 25 -2.63 -4.35 -19.44
N VAL A 26 -3.62 -4.09 -20.29
CA VAL A 26 -4.51 -5.13 -20.88
C VAL A 26 -3.67 -6.04 -21.78
N LYS A 27 -2.79 -5.45 -22.60
CA LYS A 27 -1.94 -6.21 -23.55
C LYS A 27 -0.96 -7.11 -22.78
N ARG A 28 -0.31 -6.59 -21.73
CA ARG A 28 0.66 -7.37 -20.89
C ARG A 28 -0.06 -8.51 -20.17
N ARG A 29 -1.35 -8.37 -19.91
CA ARG A 29 -2.15 -9.38 -19.16
C ARG A 29 -2.82 -10.36 -20.13
N GLY A 30 -2.81 -10.06 -21.44
CA GLY A 30 -3.34 -10.95 -22.50
C GLY A 30 -4.85 -11.10 -22.47
N TYR A 31 -5.59 -10.16 -21.87
CA TYR A 31 -7.08 -10.14 -21.87
C TYR A 31 -7.59 -9.85 -23.28
N GLN A 32 -8.74 -10.46 -23.64
CA GLN A 32 -9.31 -10.47 -25.01
C GLN A 32 -10.53 -9.55 -25.12
N LYS A 33 -11.37 -9.41 -24.09
CA LYS A 33 -12.61 -8.59 -24.20
C LYS A 33 -13.08 -8.06 -22.85
N ALA A 34 -13.28 -6.75 -22.76
CA ALA A 34 -13.78 -6.06 -21.54
C ALA A 34 -15.29 -6.04 -21.57
N LEU A 35 -15.91 -6.12 -20.39
CA LEU A 35 -17.22 -5.49 -20.13
C LEU A 35 -16.96 -4.22 -19.32
N ILE A 36 -17.30 -3.07 -19.88
CA ILE A 36 -17.27 -1.77 -19.17
C ILE A 36 -18.57 -1.66 -18.36
N VAL A 37 -18.45 -1.52 -17.04
CA VAL A 37 -19.60 -1.29 -16.11
C VAL A 37 -19.59 0.19 -15.69
N THR A 38 -20.69 0.91 -15.95
CA THR A 38 -20.77 2.38 -15.82
C THR A 38 -22.25 2.81 -15.75
N ASP A 39 -22.51 4.11 -15.80
CA ASP A 39 -23.90 4.63 -15.79
C ASP A 39 -24.11 5.52 -17.01
N LYS A 40 -25.36 5.89 -17.28
CA LYS A 40 -25.77 6.66 -18.49
C LYS A 40 -25.12 8.05 -18.47
N THR A 41 -24.99 8.67 -17.30
CA THR A 41 -24.44 10.05 -17.15
C THR A 41 -22.98 10.10 -17.61
N LEU A 42 -22.19 9.08 -17.27
CA LEU A 42 -20.75 9.03 -17.62
C LEU A 42 -20.59 8.76 -19.13
N VAL A 43 -21.53 8.01 -19.73
CA VAL A 43 -21.56 7.81 -21.21
C VAL A 43 -21.91 9.14 -21.87
N GLN A 44 -23.05 9.73 -21.49
CA GLN A 44 -23.60 11.01 -21.98
C GLN A 44 -22.52 12.11 -21.93
N CYS A 45 -21.82 12.24 -20.80
CA CYS A 45 -20.85 13.35 -20.54
C CYS A 45 -19.51 13.12 -21.25
N GLY A 46 -19.31 11.98 -21.90
CA GLY A 46 -18.07 11.68 -22.66
C GLY A 46 -16.94 11.17 -21.78
N VAL A 47 -17.23 10.84 -20.51
CA VAL A 47 -16.19 10.34 -19.56
C VAL A 47 -15.78 8.92 -19.98
N VAL A 48 -16.74 8.05 -20.30
CA VAL A 48 -16.44 6.66 -20.73
C VAL A 48 -15.62 6.70 -22.03
N ALA A 49 -15.89 7.64 -22.93
CA ALA A 49 -15.19 7.81 -24.23
C ALA A 49 -13.70 8.10 -24.04
N LYS A 50 -13.27 8.69 -22.91
CA LYS A 50 -11.83 8.96 -22.62
C LYS A 50 -11.06 7.63 -22.57
N VAL A 51 -11.75 6.55 -22.19
CA VAL A 51 -11.18 5.19 -22.11
C VAL A 51 -11.41 4.45 -23.44
N THR A 52 -12.64 4.46 -23.97
CA THR A 52 -13.02 3.59 -25.11
C THR A 52 -12.32 4.08 -26.38
N ASP A 53 -12.07 5.40 -26.51
CA ASP A 53 -11.33 5.96 -27.67
C ASP A 53 -9.89 5.43 -27.66
N LYS A 54 -9.27 5.31 -26.49
CA LYS A 54 -7.91 4.74 -26.34
C LYS A 54 -7.94 3.24 -26.67
N MET A 55 -8.97 2.51 -26.22
CA MET A 55 -9.08 1.06 -26.47
C MET A 55 -9.32 0.78 -27.97
N ASP A 56 -10.13 1.61 -28.62
CA ASP A 56 -10.43 1.51 -30.08
C ASP A 56 -9.12 1.67 -30.88
N ALA A 57 -8.32 2.67 -30.55
CA ALA A 57 -7.02 2.97 -31.23
C ALA A 57 -6.04 1.80 -31.01
N ALA A 58 -6.12 1.10 -29.87
CA ALA A 58 -5.24 -0.03 -29.51
C ALA A 58 -5.79 -1.37 -30.06
N GLY A 59 -7.01 -1.37 -30.61
CA GLY A 59 -7.67 -2.57 -31.15
C GLY A 59 -8.16 -3.51 -30.06
N LEU A 60 -8.54 -2.99 -28.89
CA LEU A 60 -9.02 -3.81 -27.73
C LEU A 60 -10.56 -3.82 -27.71
N ALA A 61 -11.16 -5.02 -27.71
CA ALA A 61 -12.62 -5.22 -27.78
C ALA A 61 -13.26 -4.83 -26.45
N TRP A 62 -14.44 -4.21 -26.50
CA TRP A 62 -15.22 -3.93 -25.26
C TRP A 62 -16.71 -3.96 -25.58
N ALA A 63 -17.48 -4.52 -24.65
CA ALA A 63 -18.94 -4.31 -24.51
C ALA A 63 -19.16 -3.36 -23.33
N ILE A 64 -20.38 -2.83 -23.21
CA ILE A 64 -20.74 -1.86 -22.14
C ILE A 64 -22.08 -2.25 -21.51
N TYR A 65 -22.14 -2.11 -20.20
CA TYR A 65 -23.38 -2.11 -19.38
C TYR A 65 -23.44 -0.77 -18.64
N ASP A 66 -24.44 0.06 -18.95
CA ASP A 66 -24.55 1.45 -18.44
C ASP A 66 -25.82 1.58 -17.60
N GLY A 67 -26.31 0.45 -17.04
CA GLY A 67 -27.60 0.38 -16.31
C GLY A 67 -27.45 0.67 -14.83
N VAL A 68 -26.25 1.00 -14.35
CA VAL A 68 -26.02 1.22 -12.90
C VAL A 68 -26.78 2.48 -12.46
N VAL A 69 -27.44 2.41 -11.30
CA VAL A 69 -28.09 3.59 -10.66
C VAL A 69 -27.42 3.80 -9.30
N PRO A 70 -27.45 5.03 -8.76
CA PRO A 70 -26.91 5.30 -7.42
C PRO A 70 -27.54 4.36 -6.40
N ASN A 71 -26.76 3.83 -5.46
CA ASN A 71 -27.23 2.85 -4.44
C ASN A 71 -27.70 1.62 -5.21
N PRO A 72 -26.77 0.95 -5.93
CA PRO A 72 -27.13 -0.08 -6.90
C PRO A 72 -27.87 -1.24 -6.21
N THR A 73 -28.87 -1.78 -6.90
CA THR A 73 -29.84 -2.78 -6.37
C THR A 73 -29.44 -4.18 -6.83
N ILE A 74 -30.05 -5.19 -6.20
CA ILE A 74 -29.99 -6.61 -6.65
C ILE A 74 -30.32 -6.68 -8.14
N THR A 75 -31.36 -5.96 -8.59
CA THR A 75 -31.87 -5.99 -9.99
C THR A 75 -30.78 -5.50 -10.95
N VAL A 76 -30.08 -4.42 -10.59
CA VAL A 76 -28.97 -3.86 -11.39
C VAL A 76 -27.84 -4.89 -11.50
N VAL A 77 -27.50 -5.60 -10.41
CA VAL A 77 -26.44 -6.64 -10.41
C VAL A 77 -26.84 -7.76 -11.37
N LYS A 78 -28.07 -8.28 -11.24
CA LYS A 78 -28.57 -9.42 -12.06
C LYS A 78 -28.59 -9.06 -13.55
N GLU A 79 -28.98 -7.82 -13.89
CA GLU A 79 -29.03 -7.29 -15.27
C GLU A 79 -27.60 -7.20 -15.85
N GLY A 80 -26.65 -6.64 -15.10
CA GLY A 80 -25.23 -6.54 -15.51
C GLY A 80 -24.58 -7.92 -15.65
N LEU A 81 -24.90 -8.86 -14.76
CA LEU A 81 -24.44 -10.27 -14.83
C LEU A 81 -24.89 -10.89 -16.16
N GLY A 82 -26.15 -10.65 -16.55
CA GLY A 82 -26.74 -11.14 -17.81
C GLY A 82 -25.97 -10.63 -19.01
N VAL A 83 -25.61 -9.35 -19.00
CA VAL A 83 -24.84 -8.70 -20.11
C VAL A 83 -23.42 -9.28 -20.11
N PHE A 84 -22.80 -9.46 -18.95
CA PHE A 84 -21.46 -10.08 -18.85
C PHE A 84 -21.49 -11.47 -19.51
N GLN A 85 -22.39 -12.34 -19.06
CA GLN A 85 -22.49 -13.75 -19.51
C GLN A 85 -22.70 -13.81 -21.02
N ASN A 86 -23.57 -12.95 -21.56
CA ASN A 86 -23.97 -13.00 -22.99
CA ASN A 86 -24.00 -12.96 -22.99
C ASN A 86 -22.93 -12.27 -23.84
N SER A 87 -22.06 -11.46 -23.22
CA SER A 87 -21.01 -10.64 -23.89
C SER A 87 -19.77 -11.48 -24.22
N GLY A 88 -19.47 -12.52 -23.44
CA GLY A 88 -18.26 -13.36 -23.59
C GLY A 88 -16.99 -12.65 -23.10
N ALA A 89 -17.11 -11.56 -22.34
CA ALA A 89 -15.96 -10.78 -21.80
C ALA A 89 -15.12 -11.67 -20.87
N ASP A 90 -13.80 -11.45 -20.81
CA ASP A 90 -12.89 -12.15 -19.86
C ASP A 90 -12.33 -11.19 -18.81
N TYR A 91 -12.69 -9.91 -18.83
CA TYR A 91 -12.32 -8.97 -17.73
C TYR A 91 -13.32 -7.81 -17.69
N LEU A 92 -13.24 -7.03 -16.61
CA LEU A 92 -14.18 -5.94 -16.29
C LEU A 92 -13.38 -4.65 -16.15
N ILE A 93 -13.96 -3.58 -16.65
CA ILE A 93 -13.50 -2.18 -16.41
C ILE A 93 -14.65 -1.44 -15.75
N ALA A 94 -14.47 -1.08 -14.48
CA ALA A 94 -15.43 -0.28 -13.71
C ALA A 94 -15.10 1.19 -13.96
N ILE A 95 -16.01 1.94 -14.58
CA ILE A 95 -15.84 3.40 -14.78
C ILE A 95 -16.94 4.10 -14.02
N GLY A 96 -16.59 4.80 -12.94
CA GLY A 96 -17.54 5.61 -12.20
C GLY A 96 -17.23 5.66 -10.72
N GLY A 97 -18.19 6.13 -9.95
CA GLY A 97 -18.09 6.23 -8.48
C GLY A 97 -18.33 4.88 -7.84
N GLY A 98 -18.65 4.91 -6.55
CA GLY A 98 -18.91 3.70 -5.75
C GLY A 98 -19.99 2.83 -6.35
N SER A 99 -21.03 3.42 -6.95
CA SER A 99 -22.20 2.65 -7.46
C SER A 99 -21.77 1.71 -8.58
N PRO A 100 -21.14 2.19 -9.69
CA PRO A 100 -20.60 1.30 -10.71
C PRO A 100 -19.46 0.37 -10.24
N GLN A 101 -18.58 0.84 -9.37
CA GLN A 101 -17.45 -0.01 -8.88
CA GLN A 101 -17.44 0.04 -8.80
C GLN A 101 -18.01 -1.13 -8.00
N ASP A 102 -19.04 -0.88 -7.21
CA ASP A 102 -19.68 -1.90 -6.34
C ASP A 102 -20.43 -2.92 -7.20
N THR A 103 -21.16 -2.47 -8.23
CA THR A 103 -21.87 -3.37 -9.18
C THR A 103 -20.84 -4.29 -9.84
N CYS A 104 -19.71 -3.72 -10.27
CA CYS A 104 -18.64 -4.42 -11.01
C CYS A 104 -18.04 -5.53 -10.12
N LYS A 105 -17.75 -5.22 -8.86
CA LYS A 105 -17.28 -6.24 -7.89
C LYS A 105 -18.30 -7.37 -7.79
N ALA A 106 -19.59 -7.07 -7.74
CA ALA A 106 -20.67 -8.10 -7.58
C ALA A 106 -20.69 -8.99 -8.83
N ILE A 107 -20.66 -8.39 -10.02
CA ILE A 107 -20.67 -9.13 -11.31
C ILE A 107 -19.45 -10.06 -11.39
N GLY A 108 -18.25 -9.54 -11.13
CA GLY A 108 -16.98 -10.29 -11.20
C GLY A 108 -16.98 -11.49 -10.25
N ILE A 109 -17.43 -11.30 -9.01
CA ILE A 109 -17.49 -12.41 -8.01
C ILE A 109 -18.47 -13.47 -8.50
N ILE A 110 -19.68 -13.07 -8.89
CA ILE A 110 -20.76 -14.03 -9.23
C ILE A 110 -20.36 -14.79 -10.51
N SER A 111 -19.70 -14.12 -11.45
CA SER A 111 -19.33 -14.75 -12.74
CA SER A 111 -19.31 -14.74 -12.74
C SER A 111 -18.40 -15.96 -12.51
N ASN A 112 -17.50 -15.88 -11.53
CA ASN A 112 -16.56 -16.99 -11.19
C ASN A 112 -17.07 -17.80 -9.99
N ASN A 113 -18.19 -17.39 -9.37
CA ASN A 113 -18.82 -18.10 -8.23
C ASN A 113 -20.32 -18.10 -8.48
N PRO A 114 -20.81 -18.78 -9.55
CA PRO A 114 -22.20 -18.60 -10.00
C PRO A 114 -23.29 -19.05 -9.01
N GLU A 115 -22.92 -19.75 -7.94
CA GLU A 115 -23.86 -20.13 -6.86
CA GLU A 115 -23.89 -20.13 -6.87
C GLU A 115 -24.41 -18.86 -6.19
N PHE A 116 -23.73 -17.72 -6.34
CA PHE A 116 -24.12 -16.45 -5.66
C PHE A 116 -25.01 -15.57 -6.55
N ALA A 117 -25.58 -16.11 -7.63
CA ALA A 117 -26.34 -15.34 -8.63
C ALA A 117 -27.65 -14.77 -8.05
N ASP A 118 -28.07 -15.20 -6.85
CA ASP A 118 -29.19 -14.60 -6.09
C ASP A 118 -28.77 -13.25 -5.51
N VAL A 119 -27.46 -13.02 -5.33
CA VAL A 119 -26.84 -11.75 -4.83
C VAL A 119 -26.95 -11.65 -3.30
N ARG A 120 -28.12 -11.88 -2.71
CA ARG A 120 -28.35 -11.76 -1.24
C ARG A 120 -27.31 -12.56 -0.45
N SER A 121 -26.97 -13.77 -0.93
CA SER A 121 -26.09 -14.74 -0.22
C SER A 121 -24.64 -14.24 -0.15
N LEU A 122 -24.30 -13.12 -0.82
CA LEU A 122 -22.94 -12.53 -0.76
C LEU A 122 -22.76 -11.70 0.53
N GLU A 123 -23.83 -11.42 1.28
CA GLU A 123 -23.77 -10.50 2.45
C GLU A 123 -22.79 -11.05 3.48
N GLY A 124 -21.98 -10.16 4.08
CA GLY A 124 -20.98 -10.48 5.12
C GLY A 124 -19.68 -10.92 4.49
N LEU A 125 -18.94 -11.80 5.17
CA LEU A 125 -17.71 -12.45 4.65
C LEU A 125 -18.12 -13.53 3.63
N SER A 126 -18.28 -13.14 2.36
CA SER A 126 -18.77 -14.03 1.27
C SER A 126 -17.92 -15.29 1.24
N PRO A 127 -18.48 -16.50 1.39
CA PRO A 127 -17.69 -17.73 1.31
C PRO A 127 -17.42 -18.16 -0.14
N THR A 128 -16.76 -17.29 -0.92
CA THR A 128 -16.42 -17.54 -2.34
C THR A 128 -15.15 -18.40 -2.40
N ASN A 129 -15.07 -19.32 -3.36
CA ASN A 129 -13.92 -20.23 -3.55
C ASN A 129 -12.93 -19.66 -4.57
N LYS A 130 -13.40 -18.84 -5.51
CA LYS A 130 -12.60 -18.35 -6.66
C LYS A 130 -12.48 -16.83 -6.63
N PRO A 131 -11.33 -16.29 -7.05
CA PRO A 131 -11.19 -14.85 -7.30
C PRO A 131 -12.25 -14.36 -8.30
N SER A 132 -12.66 -13.10 -8.14
CA SER A 132 -13.52 -12.35 -9.09
C SER A 132 -12.88 -12.45 -10.48
N VAL A 133 -13.68 -12.32 -11.53
CA VAL A 133 -13.16 -11.91 -12.88
C VAL A 133 -12.24 -10.70 -12.64
N PRO A 134 -11.07 -10.61 -13.32
CA PRO A 134 -10.16 -9.49 -13.11
C PRO A 134 -10.86 -8.14 -13.34
N ILE A 135 -10.70 -7.20 -12.39
CA ILE A 135 -11.33 -5.85 -12.43
C ILE A 135 -10.21 -4.82 -12.54
N LEU A 136 -10.29 -3.97 -13.58
CA LEU A 136 -9.55 -2.70 -13.75
C LEU A 136 -10.49 -1.55 -13.34
N ALA A 137 -10.16 -0.84 -12.25
CA ALA A 137 -11.06 0.11 -11.58
C ALA A 137 -10.64 1.55 -11.93
N ILE A 138 -11.60 2.38 -12.32
CA ILE A 138 -11.36 3.79 -12.78
C ILE A 138 -12.38 4.69 -12.11
N PRO A 139 -12.07 5.21 -10.89
CA PRO A 139 -12.96 6.11 -10.18
C PRO A 139 -13.17 7.43 -10.93
N THR A 140 -14.40 7.93 -10.90
CA THR A 140 -14.81 9.25 -11.46
C THR A 140 -15.33 10.18 -10.37
N THR A 141 -15.35 9.75 -9.09
CA THR A 141 -15.64 10.62 -7.93
C THR A 141 -14.44 10.58 -6.98
N ALA A 142 -14.36 11.52 -6.05
CA ALA A 142 -13.21 11.67 -5.13
C ALA A 142 -13.69 11.89 -3.69
N GLY A 143 -14.28 10.86 -3.08
CA GLY A 143 -14.51 9.56 -3.67
C GLY A 143 -14.71 8.50 -2.60
N THR A 144 -15.12 7.29 -3.01
CA THR A 144 -15.52 6.18 -2.10
C THR A 144 -14.33 5.25 -1.83
N ALA A 145 -13.28 5.37 -2.64
CA ALA A 145 -12.11 4.46 -2.68
C ALA A 145 -12.54 3.01 -2.95
N ALA A 146 -13.68 2.80 -3.60
CA ALA A 146 -14.17 1.44 -3.98
C ALA A 146 -13.08 0.67 -4.72
N GLU A 147 -12.16 1.36 -5.41
CA GLU A 147 -11.10 0.74 -6.24
C GLU A 147 -10.11 -0.03 -5.36
N VAL A 148 -9.95 0.30 -4.07
CA VAL A 148 -8.89 -0.31 -3.23
C VAL A 148 -9.49 -1.10 -2.05
N THR A 149 -10.80 -1.04 -1.79
CA THR A 149 -11.42 -1.79 -0.65
C THR A 149 -11.83 -3.19 -1.13
N ILE A 150 -12.10 -4.09 -0.19
CA ILE A 150 -12.64 -5.44 -0.49
C ILE A 150 -14.14 -5.48 -0.21
N ASN A 151 -14.74 -4.32 0.00
CA ASN A 151 -16.20 -4.16 0.28
C ASN A 151 -16.94 -3.78 -1.01
N TYR A 152 -18.21 -4.16 -1.07
CA TYR A 152 -19.22 -3.58 -1.98
C TYR A 152 -20.57 -3.61 -1.26
N VAL A 153 -21.40 -2.63 -1.57
CA VAL A 153 -22.70 -2.39 -0.86
C VAL A 153 -23.81 -2.43 -1.90
N ILE A 154 -24.77 -3.34 -1.71
CA ILE A 154 -25.92 -3.53 -2.63
C ILE A 154 -27.20 -3.22 -1.87
N THR A 155 -28.17 -2.62 -2.56
CA THR A 155 -29.51 -2.30 -1.99
C THR A 155 -30.46 -3.49 -2.24
N ASP A 156 -31.01 -4.03 -1.16
CA ASP A 156 -32.12 -5.00 -1.21
C ASP A 156 -33.44 -4.21 -1.18
N GLU A 157 -34.01 -3.94 -2.36
CA GLU A 157 -35.25 -3.11 -2.52
C GLU A 157 -36.41 -3.77 -1.74
N GLU A 158 -36.56 -5.08 -1.87
CA GLU A 158 -37.63 -5.88 -1.21
C GLU A 158 -37.59 -5.70 0.32
N LYS A 159 -36.40 -5.73 0.94
CA LYS A 159 -36.24 -5.68 2.42
C LYS A 159 -35.82 -4.27 2.89
N ARG A 160 -35.71 -3.30 1.97
CA ARG A 160 -35.39 -1.88 2.27
C ARG A 160 -34.15 -1.78 3.18
N ARG A 161 -33.04 -2.40 2.74
CA ARG A 161 -31.74 -2.38 3.47
C ARG A 161 -30.58 -2.45 2.48
N LYS A 162 -29.50 -1.74 2.80
CA LYS A 162 -28.17 -1.85 2.16
C LYS A 162 -27.41 -2.92 2.92
N PHE A 163 -26.81 -3.88 2.22
CA PHE A 163 -26.00 -4.96 2.82
C PHE A 163 -24.58 -4.90 2.26
N VAL A 164 -23.61 -5.15 3.13
CA VAL A 164 -22.15 -5.04 2.83
C VAL A 164 -21.61 -6.45 2.60
N CYS A 165 -21.01 -6.66 1.42
CA CYS A 165 -20.27 -7.89 1.04
C CYS A 165 -18.78 -7.61 1.21
N VAL A 166 -18.09 -8.47 1.96
CA VAL A 166 -16.67 -8.30 2.33
C VAL A 166 -15.92 -9.52 1.82
N ASP A 167 -15.00 -9.36 0.87
CA ASP A 167 -14.39 -10.52 0.17
C ASP A 167 -13.04 -10.11 -0.43
N PRO A 168 -11.92 -10.67 0.11
CA PRO A 168 -10.59 -10.48 -0.49
C PRO A 168 -10.56 -10.79 -2.00
N HIS A 169 -11.37 -11.74 -2.45
CA HIS A 169 -11.48 -12.16 -3.87
C HIS A 169 -11.96 -11.02 -4.79
N ASP A 170 -12.53 -9.94 -4.27
CA ASP A 170 -13.13 -8.87 -5.13
C ASP A 170 -12.12 -7.74 -5.42
N ILE A 171 -10.89 -7.81 -4.91
CA ILE A 171 -9.94 -6.64 -4.97
C ILE A 171 -9.58 -6.43 -6.44
N PRO A 172 -9.73 -5.20 -6.99
CA PRO A 172 -9.25 -4.91 -8.34
C PRO A 172 -7.75 -5.19 -8.53
N GLN A 173 -7.41 -5.72 -9.69
CA GLN A 173 -6.02 -6.08 -10.10
C GLN A 173 -5.24 -4.81 -10.40
N VAL A 174 -5.91 -3.81 -10.97
CA VAL A 174 -5.30 -2.48 -11.24
C VAL A 174 -6.34 -1.41 -10.95
N ALA A 175 -5.91 -0.33 -10.27
CA ALA A 175 -6.68 0.92 -10.09
C ALA A 175 -5.99 2.02 -10.91
N PHE A 176 -6.78 2.82 -11.63
CA PHE A 176 -6.30 4.02 -12.38
C PHE A 176 -6.98 5.24 -11.75
N ILE A 177 -6.19 6.04 -11.02
CA ILE A 177 -6.64 7.20 -10.21
C ILE A 177 -6.23 8.46 -10.96
N ASP A 178 -7.14 8.98 -11.79
CA ASP A 178 -6.85 9.97 -12.86
C ASP A 178 -7.84 11.14 -12.69
N ALA A 179 -7.39 12.28 -12.17
CA ALA A 179 -8.26 13.45 -11.89
C ALA A 179 -8.94 13.95 -13.18
N ASP A 180 -8.36 13.71 -14.36
CA ASP A 180 -9.02 14.04 -15.66
C ASP A 180 -10.41 13.39 -15.70
N MET A 181 -10.55 12.19 -15.14
CA MET A 181 -11.82 11.42 -15.13
C MET A 181 -12.80 12.01 -14.12
N MET A 182 -12.33 12.90 -13.23
CA MET A 182 -13.11 13.41 -12.06
C MET A 182 -13.52 14.87 -12.24
N ASP A 183 -12.87 15.61 -13.14
CA ASP A 183 -13.02 17.08 -13.29
C ASP A 183 -14.49 17.47 -13.57
N GLY A 184 -15.27 16.61 -14.23
CA GLY A 184 -16.64 16.89 -14.67
C GLY A 184 -17.65 16.80 -13.54
N MET A 185 -17.26 16.27 -12.38
CA MET A 185 -18.12 16.30 -11.16
C MET A 185 -18.65 17.70 -10.96
N PRO A 186 -19.99 17.91 -10.86
CA PRO A 186 -20.52 19.19 -10.39
C PRO A 186 -19.97 19.51 -9.02
N PRO A 187 -19.73 20.80 -8.68
CA PRO A 187 -19.24 21.19 -7.36
C PRO A 187 -19.91 20.51 -6.16
N ALA A 188 -21.24 20.41 -6.15
CA ALA A 188 -21.99 19.72 -5.06
C ALA A 188 -21.56 18.25 -4.96
N LEU A 189 -21.21 17.60 -6.08
CA LEU A 189 -20.78 16.18 -6.05
C LEU A 189 -19.32 16.09 -5.53
N LYS A 190 -18.45 17.03 -5.93
CA LYS A 190 -17.06 17.12 -5.38
C LYS A 190 -17.17 17.25 -3.85
N ALA A 191 -18.11 18.05 -3.37
CA ALA A 191 -18.27 18.40 -1.93
C ALA A 191 -18.71 17.14 -1.15
N ALA A 192 -19.76 16.46 -1.62
CA ALA A 192 -20.37 15.29 -0.93
C ALA A 192 -19.38 14.10 -0.95
N THR A 193 -18.79 13.76 -2.10
CA THR A 193 -17.86 12.60 -2.20
C THR A 193 -16.56 12.93 -1.45
N GLY A 194 -16.14 14.20 -1.43
CA GLY A 194 -15.00 14.69 -0.66
C GLY A 194 -15.16 14.46 0.83
N VAL A 195 -16.34 14.74 1.39
CA VAL A 195 -16.59 14.57 2.85
C VAL A 195 -16.86 13.07 3.12
N ASP A 196 -17.35 12.32 2.15
CA ASP A 196 -17.37 10.84 2.25
C ASP A 196 -15.93 10.35 2.45
N ALA A 197 -14.98 10.88 1.66
CA ALA A 197 -13.54 10.49 1.76
C ALA A 197 -13.01 10.91 3.14
N LEU A 198 -13.37 12.10 3.62
CA LEU A 198 -12.91 12.59 4.94
C LEU A 198 -13.48 11.70 6.04
N THR A 199 -14.73 11.28 5.90
CA THR A 199 -15.41 10.33 6.82
C THR A 199 -14.62 9.01 6.90
N HIS A 200 -14.25 8.42 5.76
CA HIS A 200 -13.40 7.19 5.69
C HIS A 200 -12.11 7.38 6.48
N ALA A 201 -11.44 8.51 6.26
CA ALA A 201 -10.16 8.86 6.91
C ALA A 201 -10.35 8.99 8.42
N ILE A 202 -11.38 9.74 8.86
CA ILE A 202 -11.61 9.99 10.31
C ILE A 202 -12.09 8.72 10.99
N GLU A 203 -13.11 8.06 10.45
CA GLU A 203 -13.65 6.80 11.06
C GLU A 203 -12.53 5.75 11.13
N GLY A 204 -11.73 5.63 10.07
CA GLY A 204 -10.59 4.70 10.00
C GLY A 204 -9.56 4.99 11.08
N TYR A 205 -9.24 6.27 11.28
CA TYR A 205 -8.21 6.75 12.23
C TYR A 205 -8.59 6.32 13.65
N ILE A 206 -9.88 6.37 14.00
CA ILE A 206 -10.34 6.17 15.41
C ILE A 206 -11.03 4.82 15.57
N THR A 207 -11.11 4.00 14.51
CA THR A 207 -11.81 2.70 14.58
C THR A 207 -11.10 1.79 15.61
N ARG A 208 -11.81 0.78 16.12
CA ARG A 208 -11.33 -0.15 17.19
C ARG A 208 -10.08 -0.90 16.73
N GLY A 209 -10.06 -1.38 15.48
CA GLY A 209 -8.96 -2.18 14.93
C GLY A 209 -7.77 -1.34 14.46
N ALA A 210 -7.77 -0.02 14.64
CA ALA A 210 -6.70 0.89 14.18
C ALA A 210 -5.33 0.41 14.70
N TRP A 211 -4.28 0.53 13.89
CA TRP A 211 -2.89 0.20 14.29
C TRP A 211 -1.95 1.10 13.50
N ALA A 212 -0.63 0.97 13.70
CA ALA A 212 0.39 1.98 13.33
C ALA A 212 0.30 2.37 11.85
N LEU A 213 0.19 1.39 10.95
CA LEU A 213 0.28 1.64 9.48
C LEU A 213 -0.98 2.37 9.01
N THR A 214 -2.17 1.94 9.42
CA THR A 214 -3.45 2.57 9.04
C THR A 214 -3.51 3.98 9.64
N ASP A 215 -2.96 4.19 10.85
CA ASP A 215 -2.94 5.53 11.48
C ASP A 215 -2.14 6.48 10.59
N ALA A 216 -0.98 6.06 10.11
CA ALA A 216 -0.07 6.87 9.25
C ALA A 216 -0.78 7.23 7.94
N LEU A 217 -1.49 6.27 7.34
CA LEU A 217 -2.19 6.48 6.04
C LEU A 217 -3.38 7.43 6.25
N HIS A 218 -4.20 7.18 7.27
CA HIS A 218 -5.46 7.92 7.52
C HIS A 218 -5.17 9.37 7.93
N ILE A 219 -4.15 9.64 8.76
CA ILE A 219 -3.87 11.03 9.22
C ILE A 219 -3.32 11.82 8.01
N LYS A 220 -2.56 11.15 7.13
CA LYS A 220 -2.07 11.80 5.89
C LYS A 220 -3.26 12.10 4.96
N ALA A 221 -4.24 11.20 4.87
CA ALA A 221 -5.46 11.37 4.03
C ALA A 221 -6.24 12.58 4.52
N ILE A 222 -6.44 12.70 5.83
CA ILE A 222 -7.17 13.85 6.45
C ILE A 222 -6.43 15.14 6.06
N GLU A 223 -5.09 15.16 6.19
CA GLU A 223 -4.27 16.35 5.87
C GLU A 223 -4.49 16.74 4.40
N ILE A 224 -4.42 15.77 3.48
CA ILE A 224 -4.55 16.04 2.01
C ILE A 224 -5.95 16.61 1.71
N ILE A 225 -6.98 15.93 2.23
CA ILE A 225 -8.41 16.23 1.93
C ILE A 225 -8.75 17.60 2.51
N ALA A 226 -8.43 17.85 3.79
CA ALA A 226 -8.71 19.14 4.47
C ALA A 226 -7.99 20.26 3.70
N GLY A 227 -6.80 19.99 3.18
CA GLY A 227 -6.00 20.94 2.38
C GLY A 227 -6.63 21.27 1.03
N ALA A 228 -7.32 20.32 0.37
CA ALA A 228 -7.63 20.41 -1.07
C ALA A 228 -9.12 20.62 -1.36
N LEU A 229 -10.02 20.21 -0.46
CA LEU A 229 -11.45 20.03 -0.84
C LEU A 229 -12.09 21.38 -1.22
N ARG A 230 -11.88 22.44 -0.42
CA ARG A 230 -12.43 23.78 -0.74
C ARG A 230 -11.96 24.20 -2.15
N GLY A 231 -10.67 24.08 -2.45
CA GLY A 231 -10.10 24.48 -3.76
C GLY A 231 -10.64 23.62 -4.89
N SER A 232 -10.87 22.33 -4.64
CA SER A 232 -11.43 21.42 -5.67
C SER A 232 -12.87 21.85 -5.98
N VAL A 233 -13.69 22.05 -4.95
CA VAL A 233 -15.11 22.48 -5.10
C VAL A 233 -15.15 23.79 -5.92
N ALA A 234 -14.18 24.68 -5.73
CA ALA A 234 -14.10 26.00 -6.40
C ALA A 234 -13.56 25.85 -7.84
N GLY A 235 -13.13 24.65 -8.23
CA GLY A 235 -12.78 24.32 -9.62
C GLY A 235 -11.28 24.33 -9.88
N ASP A 236 -10.45 24.31 -8.83
CA ASP A 236 -8.97 24.32 -8.95
C ASP A 236 -8.46 22.94 -9.40
N LYS A 237 -7.63 22.94 -10.45
CA LYS A 237 -7.13 21.74 -11.17
C LYS A 237 -6.23 20.91 -10.25
N ASP A 238 -5.18 21.51 -9.68
CA ASP A 238 -4.21 20.82 -8.79
C ASP A 238 -4.95 20.29 -7.55
N ALA A 239 -5.93 21.04 -7.03
CA ALA A 239 -6.72 20.60 -5.84
C ALA A 239 -7.47 19.31 -6.21
N GLY A 240 -7.92 19.20 -7.45
CA GLY A 240 -8.60 18.00 -7.99
C GLY A 240 -7.70 16.79 -7.94
N GLU A 241 -6.42 16.95 -8.32
CA GLU A 241 -5.41 15.86 -8.32
C GLU A 241 -5.10 15.45 -6.88
N GLU A 242 -4.96 16.41 -5.97
CA GLU A 242 -4.75 16.15 -4.52
C GLU A 242 -5.92 15.30 -3.98
N MET A 243 -7.17 15.70 -4.27
CA MET A 243 -8.39 14.99 -3.79
C MET A 243 -8.41 13.56 -4.33
N ALA A 244 -8.00 13.33 -5.58
CA ALA A 244 -7.93 12.01 -6.23
C ALA A 244 -7.00 11.08 -5.43
N LEU A 245 -5.87 11.59 -4.94
CA LEU A 245 -4.90 10.82 -4.12
C LEU A 245 -5.46 10.67 -2.70
N GLY A 246 -5.90 11.78 -2.10
CA GLY A 246 -6.44 11.84 -0.73
C GLY A 246 -7.53 10.80 -0.50
N GLN A 247 -8.49 10.71 -1.43
CA GLN A 247 -9.65 9.79 -1.31
C GLN A 247 -9.16 8.33 -1.39
N TYR A 248 -8.19 8.02 -2.25
CA TYR A 248 -7.58 6.67 -2.35
C TYR A 248 -6.93 6.30 -1.01
N VAL A 249 -6.05 7.15 -0.50
CA VAL A 249 -5.29 6.85 0.74
C VAL A 249 -6.30 6.61 1.88
N ALA A 250 -7.40 7.37 1.91
CA ALA A 250 -8.48 7.25 2.91
C ALA A 250 -9.06 5.82 2.90
N GLY A 251 -9.10 5.19 1.72
CA GLY A 251 -9.69 3.86 1.52
C GLY A 251 -8.77 2.72 1.92
N MET A 252 -7.45 2.97 1.91
CA MET A 252 -6.43 1.93 2.20
C MET A 252 -6.65 1.35 3.60
N GLY A 253 -7.54 1.95 4.41
CA GLY A 253 -7.86 1.49 5.78
C GLY A 253 -9.28 0.98 5.99
N ILE A 254 -10.25 1.34 5.14
CA ILE A 254 -11.70 1.05 5.32
C ILE A 254 -11.94 -0.46 5.56
N SER A 255 -11.51 -1.31 4.62
CA SER A 255 -11.72 -2.77 4.66
C SER A 255 -10.70 -3.42 5.61
N ASN A 256 -9.53 -2.80 5.78
CA ASN A 256 -8.39 -3.40 6.51
C ASN A 256 -8.58 -3.26 8.03
N VAL A 257 -9.17 -2.16 8.53
CA VAL A 257 -9.35 -1.93 10.01
C VAL A 257 -10.83 -1.66 10.35
N GLY A 258 -11.59 -1.04 9.46
CA GLY A 258 -13.04 -0.79 9.64
C GLY A 258 -13.37 0.69 9.73
N LEU A 259 -14.63 0.99 10.02
CA LEU A 259 -15.15 2.38 10.12
C LEU A 259 -15.88 2.52 11.47
N GLY A 260 -17.15 2.97 11.48
CA GLY A 260 -17.91 3.15 12.72
C GLY A 260 -19.34 3.62 12.44
N LEU A 261 -19.87 4.44 13.33
CA LEU A 261 -21.32 4.75 13.44
C LEU A 261 -21.75 5.71 12.33
N VAL A 262 -20.83 6.46 11.73
CA VAL A 262 -21.20 7.42 10.65
C VAL A 262 -21.74 6.60 9.47
N HIS A 263 -20.97 5.60 9.03
CA HIS A 263 -21.36 4.70 7.92
C HIS A 263 -22.54 3.82 8.36
N GLY A 264 -22.54 3.38 9.62
CA GLY A 264 -23.65 2.60 10.18
C GLY A 264 -24.98 3.34 10.13
N MET A 265 -24.98 4.66 10.30
CA MET A 265 -26.22 5.50 10.33
C MET A 265 -26.53 6.03 8.93
N ALA A 266 -25.54 6.10 8.04
CA ALA A 266 -25.70 6.56 6.64
C ALA A 266 -26.34 5.46 5.78
N HIS A 267 -26.00 4.18 5.98
CA HIS A 267 -26.54 3.06 5.15
C HIS A 267 -28.06 3.04 5.17
N PRO A 268 -28.73 3.05 6.36
CA PRO A 268 -30.20 3.04 6.40
C PRO A 268 -30.86 4.24 5.69
N LEU A 269 -30.23 5.41 5.67
CA LEU A 269 -30.73 6.61 4.94
C LEU A 269 -30.73 6.35 3.43
N GLY A 270 -29.65 5.76 2.89
CA GLY A 270 -29.58 5.31 1.49
C GLY A 270 -30.67 4.29 1.17
N ALA A 271 -30.97 3.38 2.10
CA ALA A 271 -31.95 2.28 1.91
C ALA A 271 -33.39 2.83 1.96
N PHE A 272 -33.69 3.74 2.89
CA PHE A 272 -35.06 4.29 3.10
C PHE A 272 -35.38 5.34 2.03
N TYR A 273 -34.43 6.19 1.66
CA TYR A 273 -34.69 7.46 0.95
C TYR A 273 -33.87 7.58 -0.33
N ASN A 274 -32.90 6.71 -0.57
CA ASN A 274 -31.94 6.83 -1.69
C ASN A 274 -31.14 8.13 -1.52
N THR A 275 -30.92 8.56 -0.28
CA THR A 275 -30.07 9.73 0.07
C THR A 275 -28.68 9.46 -0.50
N PRO A 276 -28.04 10.44 -1.19
CA PRO A 276 -26.65 10.26 -1.63
C PRO A 276 -25.77 9.94 -0.43
N HIS A 277 -24.92 8.94 -0.57
CA HIS A 277 -24.06 8.37 0.51
C HIS A 277 -23.22 9.49 1.16
N GLY A 278 -22.57 10.31 0.34
CA GLY A 278 -21.67 11.40 0.78
C GLY A 278 -22.38 12.47 1.59
N VAL A 279 -23.59 12.87 1.18
CA VAL A 279 -24.41 13.88 1.90
C VAL A 279 -24.76 13.33 3.28
N ALA A 280 -25.22 12.08 3.35
CA ALA A 280 -25.61 11.40 4.61
C ALA A 280 -24.42 11.40 5.58
N ASN A 281 -23.27 10.93 5.13
CA ASN A 281 -22.02 10.88 5.95
C ASN A 281 -21.68 12.29 6.45
N ALA A 282 -21.69 13.28 5.58
CA ALA A 282 -21.23 14.67 5.86
C ALA A 282 -22.06 15.26 7.01
N ILE A 283 -23.37 15.07 6.96
CA ILE A 283 -24.32 15.63 7.96
C ILE A 283 -24.08 14.93 9.31
N LEU A 284 -23.91 13.60 9.29
CA LEU A 284 -23.77 12.78 10.52
C LEU A 284 -22.37 12.91 11.14
N LEU A 285 -21.32 13.10 10.33
CA LEU A 285 -19.89 12.96 10.75
C LEU A 285 -19.62 13.74 12.04
N PRO A 286 -19.79 15.09 12.06
CA PRO A 286 -19.46 15.87 13.25
C PRO A 286 -20.24 15.51 14.52
N HIS A 287 -21.49 15.05 14.39
CA HIS A 287 -22.36 14.63 15.52
C HIS A 287 -21.81 13.33 16.11
N VAL A 288 -21.45 12.37 15.26
CA VAL A 288 -20.84 11.08 15.69
C VAL A 288 -19.45 11.35 16.28
N MET A 289 -18.70 12.31 15.73
CA MET A 289 -17.34 12.66 16.25
C MET A 289 -17.48 13.19 17.70
N ARG A 290 -18.50 14.03 17.97
CA ARG A 290 -18.80 14.55 19.32
C ARG A 290 -19.11 13.37 20.24
N TYR A 291 -19.95 12.44 19.79
CA TYR A 291 -20.40 11.25 20.56
C TYR A 291 -19.18 10.37 20.90
N ASN A 292 -18.19 10.30 20.01
CA ASN A 292 -17.02 9.37 20.14
C ASN A 292 -15.86 10.04 20.90
N ALA A 293 -15.89 11.36 21.12
CA ALA A 293 -14.72 12.20 21.49
C ALA A 293 -13.94 11.58 22.66
N ASP A 294 -14.63 11.14 23.71
CA ASP A 294 -14.03 10.66 24.99
C ASP A 294 -13.31 9.31 24.79
N PHE A 295 -13.53 8.63 23.65
CA PHE A 295 -13.01 7.26 23.39
C PHE A 295 -11.96 7.26 22.26
N THR A 296 -11.24 8.36 22.05
CA THR A 296 -10.31 8.56 20.89
C THR A 296 -8.91 9.00 21.35
N GLY A 297 -8.59 8.85 22.62
CA GLY A 297 -7.30 9.30 23.20
C GLY A 297 -6.94 10.71 22.74
N GLU A 298 -5.77 10.86 22.12
CA GLU A 298 -5.21 12.17 21.68
C GLU A 298 -5.53 12.44 20.20
N LYS A 299 -6.24 11.53 19.53
CA LYS A 299 -6.34 11.51 18.04
C LYS A 299 -7.03 12.76 17.49
N TYR A 300 -7.95 13.39 18.24
CA TYR A 300 -8.68 14.61 17.78
C TYR A 300 -7.72 15.81 17.72
N ARG A 301 -6.64 15.80 18.50
CA ARG A 301 -5.57 16.84 18.44
C ARG A 301 -4.89 16.74 17.08
N ASP A 302 -4.59 15.52 16.64
CA ASP A 302 -3.95 15.23 15.33
C ASP A 302 -4.89 15.69 14.21
N ILE A 303 -6.18 15.34 14.30
CA ILE A 303 -7.21 15.70 13.28
C ILE A 303 -7.31 17.24 13.20
N ALA A 304 -7.51 17.89 14.35
CA ALA A 304 -7.58 19.37 14.46
C ALA A 304 -6.37 19.98 13.74
N ARG A 305 -5.17 19.49 14.07
CA ARG A 305 -3.88 20.06 13.61
C ARG A 305 -3.81 20.05 12.07
N VAL A 306 -4.04 18.90 11.45
CA VAL A 306 -3.89 18.75 9.96
C VAL A 306 -5.06 19.44 9.25
N MET A 307 -6.16 19.72 9.97
CA MET A 307 -7.31 20.48 9.39
C MET A 307 -7.10 21.99 9.54
N GLY A 308 -5.92 22.44 9.98
CA GLY A 308 -5.49 23.86 10.00
C GLY A 308 -5.80 24.58 11.31
N VAL A 309 -6.15 23.85 12.37
CA VAL A 309 -6.36 24.40 13.75
C VAL A 309 -5.01 24.50 14.46
N LYS A 310 -4.74 25.62 15.13
CA LYS A 310 -3.56 25.79 16.02
C LYS A 310 -3.87 25.11 17.35
N VAL A 311 -3.38 23.87 17.55
CA VAL A 311 -3.75 23.00 18.71
C VAL A 311 -2.74 23.19 19.84
N GLU A 312 -1.53 23.67 19.54
CA GLU A 312 -0.45 23.94 20.54
C GLU A 312 -1.01 24.89 21.61
N GLY A 313 -1.11 24.40 22.86
CA GLY A 313 -1.54 25.18 24.02
C GLY A 313 -3.01 25.01 24.33
N MET A 314 -3.73 24.19 23.54
CA MET A 314 -5.13 23.77 23.84
C MET A 314 -5.08 22.57 24.79
N SER A 315 -6.04 22.45 25.71
CA SER A 315 -6.29 21.22 26.49
C SER A 315 -6.80 20.14 25.53
N LEU A 316 -6.87 18.89 25.99
CA LEU A 316 -7.42 17.78 25.17
C LEU A 316 -8.89 18.10 24.83
N GLU A 317 -9.66 18.55 25.83
CA GLU A 317 -11.10 18.90 25.67
C GLU A 317 -11.24 19.97 24.60
N GLU A 318 -10.42 21.03 24.63
CA GLU A 318 -10.45 22.14 23.65
C GLU A 318 -10.09 21.65 22.25
N ALA A 319 -9.06 20.79 22.13
CA ALA A 319 -8.66 20.12 20.87
C ALA A 319 -9.83 19.30 20.31
N ARG A 320 -10.51 18.52 21.15
CA ARG A 320 -11.64 17.64 20.76
C ARG A 320 -12.81 18.46 20.22
N ASN A 321 -13.12 19.60 20.84
CA ASN A 321 -14.16 20.54 20.36
C ASN A 321 -13.70 21.20 19.05
N ALA A 322 -12.41 21.52 18.93
CA ALA A 322 -11.84 22.21 17.74
C ALA A 322 -11.93 21.29 16.52
N ALA A 323 -11.71 19.99 16.70
CA ALA A 323 -11.77 18.96 15.64
C ALA A 323 -13.19 18.91 15.06
N VAL A 324 -14.18 18.82 15.94
CA VAL A 324 -15.64 18.73 15.60
C VAL A 324 -16.05 20.00 14.87
N GLU A 325 -15.67 21.17 15.38
CA GLU A 325 -16.00 22.49 14.78
C GLU A 325 -15.34 22.62 13.40
N ALA A 326 -14.12 22.10 13.21
CA ALA A 326 -13.39 22.17 11.92
C ALA A 326 -14.18 21.42 10.85
N VAL A 327 -14.84 20.31 11.21
CA VAL A 327 -15.67 19.51 10.27
C VAL A 327 -16.97 20.27 9.99
N PHE A 328 -17.66 20.78 11.03
CA PHE A 328 -18.83 21.68 10.84
C PHE A 328 -18.48 22.80 9.85
N ALA A 329 -17.30 23.42 10.02
CA ALA A 329 -16.86 24.58 9.21
C ALA A 329 -16.65 24.14 7.74
N LEU A 330 -15.95 23.02 7.53
CA LEU A 330 -15.71 22.49 6.16
C LEU A 330 -17.07 22.28 5.47
N ASN A 331 -18.00 21.56 6.12
CA ASN A 331 -19.36 21.27 5.58
C ASN A 331 -20.06 22.56 5.13
N ARG A 332 -20.00 23.63 5.93
CA ARG A 332 -20.61 24.94 5.60
C ARG A 332 -19.89 25.52 4.37
N ASP A 333 -18.56 25.46 4.34
CA ASP A 333 -17.73 26.12 3.29
C ASP A 333 -18.02 25.52 1.92
N VAL A 334 -18.31 24.22 1.84
CA VAL A 334 -18.51 23.50 0.55
C VAL A 334 -20.00 23.23 0.30
N GLY A 335 -20.90 23.75 1.15
CA GLY A 335 -22.33 23.85 0.82
C GLY A 335 -23.11 22.57 1.09
N ILE A 336 -22.67 21.76 2.06
CA ILE A 336 -23.42 20.58 2.57
C ILE A 336 -24.54 21.08 3.49
N PRO A 337 -25.80 20.66 3.29
CA PRO A 337 -26.89 21.02 4.21
C PRO A 337 -26.55 20.57 5.62
N PRO A 338 -26.89 21.35 6.67
CA PRO A 338 -26.51 20.99 8.04
C PRO A 338 -27.41 19.97 8.76
N HIS A 339 -28.64 19.75 8.30
CA HIS A 339 -29.62 18.89 9.02
C HIS A 339 -30.22 17.82 8.10
N LEU A 340 -30.59 16.67 8.66
CA LEU A 340 -31.17 15.55 7.88
C LEU A 340 -32.53 15.93 7.30
N ARG A 341 -33.30 16.78 7.98
CA ARG A 341 -34.65 17.19 7.51
C ARG A 341 -34.51 17.87 6.16
N ASP A 342 -33.40 18.55 5.90
CA ASP A 342 -33.14 19.31 4.66
C ASP A 342 -32.99 18.38 3.44
N VAL A 343 -32.63 17.10 3.63
CA VAL A 343 -32.32 16.15 2.51
C VAL A 343 -33.37 15.02 2.45
N GLY A 344 -34.51 15.13 3.15
CA GLY A 344 -35.70 14.31 2.90
C GLY A 344 -35.93 13.20 3.92
N VAL A 345 -35.29 13.28 5.10
CA VAL A 345 -35.49 12.29 6.20
C VAL A 345 -36.78 12.66 6.95
N ARG A 346 -37.49 11.66 7.48
CA ARG A 346 -38.73 11.80 8.28
C ARG A 346 -38.45 11.41 9.74
N LYS A 347 -38.89 12.25 10.68
CA LYS A 347 -38.77 12.04 12.14
C LYS A 347 -39.37 10.67 12.51
N GLU A 348 -40.50 10.34 11.88
CA GLU A 348 -41.29 9.10 12.13
C GLU A 348 -40.45 7.85 11.83
N ASP A 349 -39.44 7.96 10.96
CA ASP A 349 -38.63 6.80 10.49
C ASP A 349 -37.47 6.51 11.46
N ILE A 350 -37.18 7.40 12.40
CA ILE A 350 -35.92 7.32 13.22
C ILE A 350 -35.87 6.01 14.01
N PRO A 351 -36.94 5.56 14.70
CA PRO A 351 -36.89 4.26 15.39
C PRO A 351 -36.41 3.10 14.49
N ALA A 352 -36.95 3.00 13.28
CA ALA A 352 -36.57 1.96 12.29
C ALA A 352 -35.14 2.20 11.81
N LEU A 353 -34.78 3.47 11.53
CA LEU A 353 -33.42 3.83 11.04
C LEU A 353 -32.38 3.39 12.09
N ALA A 354 -32.64 3.67 13.37
CA ALA A 354 -31.74 3.37 14.50
C ALA A 354 -31.49 1.86 14.60
N GLN A 355 -32.54 1.03 14.47
CA GLN A 355 -32.42 -0.45 14.55
C GLN A 355 -31.53 -0.94 13.40
N ALA A 356 -31.80 -0.48 12.17
CA ALA A 356 -30.98 -0.77 10.97
C ALA A 356 -29.51 -0.37 11.25
N ALA A 357 -29.29 0.83 11.80
CA ALA A 357 -27.96 1.38 12.10
C ALA A 357 -27.26 0.49 13.15
N LEU A 358 -27.98 0.10 14.20
CA LEU A 358 -27.40 -0.73 15.31
C LEU A 358 -26.89 -2.05 14.73
N ASP A 359 -27.59 -2.60 13.73
CA ASP A 359 -27.31 -3.93 13.14
C ASP A 359 -26.40 -3.82 11.90
N ASP A 360 -26.02 -2.60 11.48
CA ASP A 360 -25.06 -2.40 10.37
C ASP A 360 -23.67 -2.84 10.83
N VAL A 361 -22.94 -3.56 9.99
CA VAL A 361 -21.60 -4.14 10.27
C VAL A 361 -20.61 -3.02 10.64
N CYS A 362 -20.68 -1.87 9.98
CA CYS A 362 -19.76 -0.73 10.22
C CYS A 362 -19.85 -0.32 11.70
N THR A 363 -21.02 -0.40 12.32
CA THR A 363 -21.27 0.11 13.69
C THR A 363 -20.35 -0.62 14.69
N GLY A 364 -20.01 -1.89 14.43
CA GLY A 364 -19.09 -2.70 15.25
C GLY A 364 -17.73 -2.04 15.47
N GLY A 365 -17.23 -1.29 14.50
CA GLY A 365 -15.89 -0.66 14.57
C GLY A 365 -15.88 0.59 15.43
N ASN A 366 -17.04 1.09 15.85
CA ASN A 366 -17.14 2.40 16.52
C ASN A 366 -16.42 2.30 17.87
N PRO A 367 -15.56 3.28 18.23
CA PRO A 367 -14.77 3.19 19.46
C PRO A 367 -15.62 3.24 20.74
N ARG A 368 -16.73 3.99 20.72
CA ARG A 368 -17.75 4.01 21.80
C ARG A 368 -18.85 3.02 21.42
N GLU A 369 -19.15 2.06 22.28
CA GLU A 369 -20.21 1.05 22.01
C GLU A 369 -21.56 1.78 21.96
N ALA A 370 -22.28 1.67 20.84
CA ALA A 370 -23.55 2.38 20.58
C ALA A 370 -24.72 1.51 21.04
N THR A 371 -25.71 2.12 21.69
CA THR A 371 -27.02 1.52 22.03
C THR A 371 -28.06 2.07 21.06
N LEU A 372 -29.16 1.34 20.87
CA LEU A 372 -30.38 1.79 20.15
C LEU A 372 -30.73 3.22 20.58
N GLU A 373 -30.77 3.46 21.90
CA GLU A 373 -31.18 4.75 22.52
C GLU A 373 -30.22 5.86 22.09
N ASP A 374 -28.91 5.60 22.10
CA ASP A 374 -27.88 6.58 21.69
C ASP A 374 -28.07 6.94 20.20
N ILE A 375 -28.36 5.94 19.37
CA ILE A 375 -28.46 6.14 17.88
C ILE A 375 -29.73 6.95 17.59
N VAL A 376 -30.85 6.60 18.24
CA VAL A 376 -32.13 7.38 18.15
C VAL A 376 -31.81 8.84 18.48
N GLU A 377 -31.13 9.09 19.60
CA GLU A 377 -30.80 10.46 20.07
C GLU A 377 -29.90 11.18 19.04
N LEU A 378 -28.91 10.49 18.46
CA LEU A 378 -28.00 11.12 17.46
C LEU A 378 -28.78 11.52 16.19
N TYR A 379 -29.69 10.66 15.71
CA TYR A 379 -30.53 10.98 14.52
C TYR A 379 -31.35 12.25 14.83
N HIS A 380 -31.95 12.32 16.02
CA HIS A 380 -32.75 13.49 16.50
C HIS A 380 -31.88 14.75 16.51
N THR A 381 -30.65 14.65 17.01
CA THR A 381 -29.69 15.77 17.11
C THR A 381 -29.29 16.26 15.70
N ALA A 382 -29.26 15.36 14.72
CA ALA A 382 -28.83 15.68 13.33
C ALA A 382 -30.03 16.13 12.49
N TRP A 383 -31.26 15.91 12.96
CA TRP A 383 -32.48 16.06 12.13
C TRP A 383 -32.82 17.54 11.90
N THR A 384 -32.84 18.36 12.96
CA THR A 384 -33.38 19.74 12.87
C THR A 384 -32.64 20.71 13.79
N SER A 385 -32.86 22.01 13.57
CA SER A 385 -32.42 23.14 14.42
C SER A 385 -33.21 23.14 15.74
N ALA B 3 2.04 9.84 -15.24
CA ALA B 3 1.43 9.06 -14.14
C ALA B 3 2.50 8.25 -13.40
N ASN B 4 2.30 8.04 -12.10
CA ASN B 4 3.19 7.25 -11.21
C ASN B 4 2.53 5.91 -10.94
N ARG B 5 3.25 4.81 -11.15
CA ARG B 5 2.79 3.43 -10.84
C ARG B 5 3.23 3.08 -9.41
N MET B 6 2.37 2.40 -8.67
CA MET B 6 2.70 1.76 -7.37
C MET B 6 2.39 0.26 -7.51
N ILE B 7 3.42 -0.59 -7.37
CA ILE B 7 3.24 -2.06 -7.21
C ILE B 7 3.49 -2.39 -5.74
N LEU B 8 2.55 -3.10 -5.13
CA LEU B 8 2.58 -3.48 -3.69
C LEU B 8 2.16 -4.94 -3.58
N ASN B 9 2.34 -5.55 -2.42
CA ASN B 9 1.74 -6.87 -2.13
C ASN B 9 0.23 -6.71 -2.13
N GLU B 10 -0.49 -7.57 -2.84
CA GLU B 10 -1.96 -7.58 -2.78
C GLU B 10 -2.38 -7.91 -1.34
N THR B 11 -1.65 -8.80 -0.66
CA THR B 11 -1.94 -9.21 0.76
C THR B 11 -0.65 -9.18 1.59
N ALA B 12 -0.71 -8.55 2.76
CA ALA B 12 0.39 -8.60 3.74
C ALA B 12 -0.22 -8.78 5.13
N TRP B 13 0.46 -9.58 5.95
CA TRP B 13 0.13 -9.80 7.38
C TRP B 13 1.25 -9.20 8.23
N PHE B 14 0.91 -8.45 9.27
CA PHE B 14 1.87 -7.70 10.10
C PHE B 14 1.67 -8.06 11.57
N GLY B 15 2.77 -8.28 12.30
CA GLY B 15 2.80 -8.43 13.76
C GLY B 15 3.38 -9.77 14.18
N ARG B 16 3.81 -9.85 15.44
CA ARG B 16 4.26 -11.12 16.04
C ARG B 16 3.11 -12.11 15.88
N GLY B 17 3.38 -13.31 15.36
CA GLY B 17 2.36 -14.35 15.12
C GLY B 17 1.84 -14.32 13.68
N ALA B 18 2.31 -13.38 12.85
CA ALA B 18 1.82 -13.20 11.46
C ALA B 18 1.98 -14.48 10.62
N VAL B 19 3.03 -15.30 10.83
CA VAL B 19 3.24 -16.56 10.05
C VAL B 19 2.10 -17.54 10.37
N GLY B 20 1.38 -17.33 11.49
CA GLY B 20 0.15 -18.07 11.85
C GLY B 20 -0.92 -18.00 10.78
N ALA B 21 -0.88 -17.00 9.89
CA ALA B 21 -1.88 -16.81 8.81
C ALA B 21 -1.53 -17.65 7.57
N LEU B 22 -0.31 -18.19 7.46
CA LEU B 22 0.19 -18.81 6.20
C LEU B 22 -0.68 -20.02 5.82
N THR B 23 -0.96 -20.94 6.73
CA THR B 23 -1.66 -22.20 6.34
C THR B 23 -3.03 -21.88 5.76
N ASP B 24 -3.79 -20.95 6.36
CA ASP B 24 -5.13 -20.59 5.85
C ASP B 24 -5.00 -19.91 4.48
N GLU B 25 -3.96 -19.10 4.23
CA GLU B 25 -3.71 -18.45 2.90
C GLU B 25 -3.46 -19.54 1.84
N VAL B 26 -2.62 -20.53 2.15
CA VAL B 26 -2.29 -21.64 1.20
C VAL B 26 -3.56 -22.43 0.86
N LYS B 27 -4.36 -22.79 1.88
CA LYS B 27 -5.62 -23.55 1.69
C LYS B 27 -6.60 -22.76 0.81
N ARG B 28 -6.77 -21.45 1.07
CA ARG B 28 -7.73 -20.59 0.32
C ARG B 28 -7.26 -20.43 -1.13
N ARG B 29 -5.96 -20.58 -1.42
CA ARG B 29 -5.39 -20.39 -2.79
C ARG B 29 -5.32 -21.71 -3.55
N GLY B 30 -5.54 -22.85 -2.88
CA GLY B 30 -5.59 -24.17 -3.54
C GLY B 30 -4.21 -24.72 -3.90
N TYR B 31 -3.10 -24.13 -3.41
CA TYR B 31 -1.73 -24.63 -3.72
C TYR B 31 -1.54 -26.04 -3.15
N GLN B 32 -0.79 -26.88 -3.86
CA GLN B 32 -0.62 -28.34 -3.54
C GLN B 32 0.71 -28.60 -2.85
N LYS B 33 1.79 -27.86 -3.18
CA LYS B 33 3.15 -28.21 -2.67
C LYS B 33 4.09 -27.00 -2.74
N ALA B 34 4.71 -26.67 -1.60
CA ALA B 34 5.69 -25.57 -1.48
C ALA B 34 7.10 -26.06 -1.80
N LEU B 35 7.93 -25.20 -2.38
CA LEU B 35 9.40 -25.25 -2.18
C LEU B 35 9.77 -24.10 -1.25
N ILE B 36 10.34 -24.42 -0.10
CA ILE B 36 10.89 -23.44 0.85
C ILE B 36 12.31 -23.08 0.42
N VAL B 37 12.56 -21.80 0.18
CA VAL B 37 13.89 -21.27 -0.23
C VAL B 37 14.45 -20.50 0.96
N THR B 38 15.60 -20.94 1.47
CA THR B 38 16.18 -20.47 2.74
C THR B 38 17.68 -20.80 2.79
N ASP B 39 18.30 -20.68 3.96
CA ASP B 39 19.76 -20.97 4.13
C ASP B 39 19.95 -21.84 5.37
N LYS B 40 21.14 -22.44 5.49
CA LYS B 40 21.47 -23.46 6.51
C LYS B 40 21.30 -22.88 7.91
N THR B 41 21.66 -21.61 8.10
CA THR B 41 21.60 -20.93 9.42
C THR B 41 20.17 -20.94 9.93
N LEU B 42 19.21 -20.59 9.07
CA LEU B 42 17.79 -20.45 9.49
C LEU B 42 17.19 -21.85 9.74
N VAL B 43 17.65 -22.89 9.04
CA VAL B 43 17.28 -24.31 9.37
C VAL B 43 17.86 -24.64 10.75
N GLN B 44 19.19 -24.47 10.88
CA GLN B 44 20.01 -24.84 12.06
C GLN B 44 19.47 -24.21 13.35
N CYS B 45 19.10 -22.93 13.33
CA CYS B 45 18.69 -22.15 14.53
CA CYS B 45 18.69 -22.16 14.55
C CYS B 45 17.18 -22.29 14.80
N GLY B 46 16.46 -23.07 13.98
CA GLY B 46 15.05 -23.44 14.21
C GLY B 46 14.03 -22.43 13.69
N VAL B 47 14.45 -21.44 12.91
CA VAL B 47 13.55 -20.36 12.40
C VAL B 47 12.63 -20.94 11.33
N VAL B 48 13.16 -21.79 10.44
CA VAL B 48 12.37 -22.49 9.38
C VAL B 48 11.30 -23.36 10.07
N ALA B 49 11.63 -24.00 11.19
CA ALA B 49 10.71 -24.91 11.93
C ALA B 49 9.45 -24.16 12.39
N LYS B 50 9.58 -22.89 12.77
CA LYS B 50 8.44 -22.03 13.19
C LYS B 50 7.37 -22.03 12.09
N VAL B 51 7.78 -22.10 10.82
CA VAL B 51 6.84 -22.17 9.65
C VAL B 51 6.49 -23.63 9.34
N THR B 52 7.46 -24.56 9.28
CA THR B 52 7.20 -25.95 8.81
C THR B 52 6.37 -26.73 9.85
N ASP B 53 6.52 -26.45 11.15
CA ASP B 53 5.69 -27.11 12.20
C ASP B 53 4.22 -26.74 11.97
N LYS B 54 3.94 -25.49 11.59
CA LYS B 54 2.57 -25.01 11.33
C LYS B 54 2.04 -25.69 10.05
N MET B 55 2.85 -25.75 9.01
CA MET B 55 2.50 -26.44 7.73
C MET B 55 2.19 -27.92 8.01
N ASP B 56 2.99 -28.59 8.84
CA ASP B 56 2.82 -30.03 9.18
C ASP B 56 1.48 -30.22 9.91
N ALA B 57 1.15 -29.36 10.89
CA ALA B 57 -0.12 -29.42 11.67
C ALA B 57 -1.33 -29.27 10.74
N ALA B 58 -1.17 -28.61 9.58
CA ALA B 58 -2.26 -28.34 8.61
C ALA B 58 -2.21 -29.33 7.44
N GLY B 59 -1.24 -30.26 7.45
CA GLY B 59 -1.11 -31.31 6.43
C GLY B 59 -0.64 -30.78 5.08
N LEU B 60 0.16 -29.71 5.08
CA LEU B 60 0.64 -29.08 3.81
C LEU B 60 1.98 -29.70 3.39
N ALA B 61 2.12 -30.02 2.11
CA ALA B 61 3.32 -30.62 1.50
C ALA B 61 4.38 -29.54 1.31
N TRP B 62 5.63 -29.83 1.63
CA TRP B 62 6.76 -28.89 1.37
C TRP B 62 8.05 -29.66 1.09
N ALA B 63 8.83 -29.15 0.14
CA ALA B 63 10.24 -29.50 -0.09
C ALA B 63 11.08 -28.28 0.33
N ILE B 64 12.39 -28.44 0.48
CA ILE B 64 13.26 -27.34 0.96
C ILE B 64 14.52 -27.28 0.12
N TYR B 65 14.94 -26.07 -0.23
CA TYR B 65 16.28 -25.76 -0.79
C TYR B 65 16.94 -24.79 0.18
N ASP B 66 18.05 -25.20 0.82
CA ASP B 66 18.69 -24.40 1.88
C ASP B 66 20.12 -23.99 1.47
N GLY B 67 20.38 -23.90 0.16
CA GLY B 67 21.73 -23.67 -0.38
C GLY B 67 22.04 -22.19 -0.55
N VAL B 68 21.15 -21.29 -0.13
CA VAL B 68 21.32 -19.84 -0.41
C VAL B 68 22.53 -19.35 0.39
N VAL B 69 23.36 -18.50 -0.22
CA VAL B 69 24.48 -17.82 0.49
C VAL B 69 24.26 -16.31 0.38
N PRO B 70 24.79 -15.51 1.34
CA PRO B 70 24.72 -14.05 1.25
C PRO B 70 25.26 -13.56 -0.10
N ASN B 71 24.61 -12.57 -0.71
CA ASN B 71 24.95 -12.08 -2.07
C ASN B 71 24.80 -13.27 -3.00
N PRO B 72 23.55 -13.73 -3.25
CA PRO B 72 23.31 -14.98 -3.98
C PRO B 72 23.81 -14.90 -5.43
N THR B 73 24.42 -16.00 -5.90
CA THR B 73 25.12 -16.11 -7.18
C THR B 73 24.20 -16.80 -8.20
N ILE B 74 24.55 -16.70 -9.47
CA ILE B 74 23.89 -17.45 -10.57
C ILE B 74 23.86 -18.95 -10.21
N THR B 75 24.94 -19.50 -9.66
CA THR B 75 25.02 -20.96 -9.33
C THR B 75 23.94 -21.32 -8.30
N VAL B 76 23.77 -20.48 -7.27
CA VAL B 76 22.75 -20.66 -6.21
C VAL B 76 21.34 -20.66 -6.84
N VAL B 77 21.09 -19.78 -7.82
CA VAL B 77 19.76 -19.70 -8.50
C VAL B 77 19.54 -21.01 -9.27
N LYS B 78 20.54 -21.45 -10.03
CA LYS B 78 20.46 -22.68 -10.87
C LYS B 78 20.26 -23.91 -9.98
N GLU B 79 20.94 -24.00 -8.84
CA GLU B 79 20.74 -25.10 -7.85
C GLU B 79 19.28 -25.11 -7.37
N GLY B 80 18.74 -23.96 -6.97
CA GLY B 80 17.39 -23.86 -6.42
C GLY B 80 16.35 -24.15 -7.49
N LEU B 81 16.61 -23.65 -8.69
CA LEU B 81 15.76 -23.91 -9.87
C LEU B 81 15.62 -25.41 -10.10
N GLY B 82 16.74 -26.14 -10.03
CA GLY B 82 16.77 -27.61 -10.21
C GLY B 82 15.92 -28.31 -9.18
N VAL B 83 16.02 -27.91 -7.91
CA VAL B 83 15.20 -28.51 -6.83
C VAL B 83 13.72 -28.17 -7.07
N PHE B 84 13.41 -26.92 -7.41
CA PHE B 84 12.00 -26.52 -7.69
C PHE B 84 11.40 -27.39 -8.80
N GLN B 85 12.10 -27.50 -9.92
CA GLN B 85 11.57 -28.19 -11.13
C GLN B 85 11.38 -29.68 -10.84
N ASN B 86 12.24 -30.30 -10.02
CA ASN B 86 12.22 -31.75 -9.71
C ASN B 86 11.23 -32.07 -8.57
N SER B 87 10.89 -31.09 -7.74
CA SER B 87 10.01 -31.23 -6.55
C SER B 87 8.54 -31.39 -6.97
N GLY B 88 8.14 -30.86 -8.13
CA GLY B 88 6.73 -30.76 -8.53
C GLY B 88 5.97 -29.75 -7.69
N ALA B 89 6.67 -28.84 -7.00
CA ALA B 89 6.09 -27.71 -6.25
C ALA B 89 5.30 -26.81 -7.20
N ASP B 90 4.22 -26.21 -6.71
CA ASP B 90 3.41 -25.22 -7.49
C ASP B 90 3.50 -23.82 -6.86
N TYR B 91 4.17 -23.66 -5.71
CA TYR B 91 4.42 -22.31 -5.13
C TYR B 91 5.73 -22.30 -4.34
N LEU B 92 6.18 -21.09 -4.02
CA LEU B 92 7.45 -20.81 -3.31
C LEU B 92 7.15 -20.12 -1.98
N ILE B 93 7.92 -20.48 -0.96
CA ILE B 93 7.95 -19.78 0.35
C ILE B 93 9.40 -19.35 0.57
N ALA B 94 9.65 -18.04 0.55
CA ALA B 94 10.98 -17.47 0.82
C ALA B 94 11.08 -17.22 2.32
N ILE B 95 11.94 -17.96 3.02
CA ILE B 95 12.20 -17.72 4.48
C ILE B 95 13.62 -17.23 4.63
N GLY B 96 13.79 -15.93 4.91
CA GLY B 96 15.11 -15.38 5.22
C GLY B 96 15.22 -13.92 4.87
N GLY B 97 16.45 -13.42 4.83
CA GLY B 97 16.73 -12.02 4.47
C GLY B 97 16.64 -11.82 2.97
N GLY B 98 17.22 -10.73 2.48
CA GLY B 98 17.24 -10.39 1.05
C GLY B 98 17.84 -11.49 0.20
N SER B 99 18.79 -12.28 0.72
CA SER B 99 19.52 -13.28 -0.10
C SER B 99 18.56 -14.40 -0.52
N PRO B 100 17.87 -15.09 0.42
CA PRO B 100 16.85 -16.07 0.04
C PRO B 100 15.65 -15.49 -0.71
N GLN B 101 15.17 -14.29 -0.34
CA GLN B 101 14.02 -13.65 -1.04
C GLN B 101 14.38 -13.36 -2.50
N ASP B 102 15.59 -12.87 -2.77
CA ASP B 102 16.03 -12.54 -4.15
C ASP B 102 16.21 -13.83 -4.96
N THR B 103 16.79 -14.88 -4.36
CA THR B 103 16.98 -16.21 -5.01
C THR B 103 15.61 -16.76 -5.37
N CYS B 104 14.66 -16.64 -4.46
CA CYS B 104 13.27 -17.11 -4.66
C CYS B 104 12.61 -16.40 -5.86
N LYS B 105 12.79 -15.08 -6.01
CA LYS B 105 12.18 -14.32 -7.12
C LYS B 105 12.77 -14.79 -8.46
N ALA B 106 14.07 -15.04 -8.51
CA ALA B 106 14.78 -15.51 -9.73
C ALA B 106 14.22 -16.89 -10.11
N ILE B 107 14.10 -17.81 -9.14
CA ILE B 107 13.56 -19.19 -9.35
C ILE B 107 12.12 -19.08 -9.87
N GLY B 108 11.27 -18.34 -9.18
CA GLY B 108 9.87 -18.06 -9.57
C GLY B 108 9.73 -17.54 -11.00
N ILE B 109 10.52 -16.53 -11.38
CA ILE B 109 10.45 -15.93 -12.75
C ILE B 109 10.89 -16.97 -13.79
N ILE B 110 12.03 -17.63 -13.56
CA ILE B 110 12.65 -18.54 -14.56
C ILE B 110 11.75 -19.77 -14.78
N SER B 111 11.12 -20.27 -13.72
CA SER B 111 10.23 -21.47 -13.79
C SER B 111 9.07 -21.25 -14.76
N ASN B 112 8.55 -20.03 -14.88
CA ASN B 112 7.43 -19.72 -15.83
C ASN B 112 7.96 -18.99 -17.06
N ASN B 113 9.26 -18.71 -17.13
CA ASN B 113 9.90 -18.00 -18.28
C ASN B 113 11.25 -18.65 -18.56
N PRO B 114 11.29 -19.89 -19.08
CA PRO B 114 12.53 -20.66 -19.24
C PRO B 114 13.53 -20.07 -20.25
N GLU B 115 13.13 -19.08 -21.05
CA GLU B 115 14.06 -18.39 -21.98
C GLU B 115 15.11 -17.59 -21.19
N PHE B 116 14.95 -17.40 -19.87
CA PHE B 116 15.90 -16.61 -19.03
C PHE B 116 16.67 -17.50 -18.05
N ALA B 117 16.74 -18.82 -18.26
CA ALA B 117 17.33 -19.76 -17.27
C ALA B 117 18.86 -19.61 -17.16
N ASP B 118 19.50 -18.82 -18.05
CA ASP B 118 20.93 -18.40 -17.92
C ASP B 118 21.07 -17.37 -16.79
N VAL B 119 19.98 -16.72 -16.36
CA VAL B 119 19.87 -15.80 -15.18
C VAL B 119 20.38 -14.39 -15.56
N ARG B 120 21.58 -14.25 -16.11
CA ARG B 120 22.15 -12.90 -16.40
C ARG B 120 21.27 -12.15 -17.41
N SER B 121 20.53 -12.84 -18.28
CA SER B 121 19.58 -12.19 -19.25
C SER B 121 18.41 -11.50 -18.54
N LEU B 122 18.21 -11.68 -17.23
CA LEU B 122 17.11 -11.01 -16.49
C LEU B 122 17.50 -9.56 -16.13
N GLU B 123 18.77 -9.18 -16.26
CA GLU B 123 19.26 -7.84 -15.81
C GLU B 123 18.43 -6.71 -16.44
N GLY B 124 18.12 -5.69 -15.63
CA GLY B 124 17.32 -4.52 -16.02
C GLY B 124 15.83 -4.79 -15.88
N LEU B 125 15.02 -4.11 -16.70
CA LEU B 125 13.56 -4.32 -16.82
C LEU B 125 13.35 -5.61 -17.63
N SER B 126 13.34 -6.77 -16.95
CA SER B 126 13.26 -8.12 -17.57
C SER B 126 12.03 -8.19 -18.48
N PRO B 127 12.20 -8.47 -19.79
CA PRO B 127 11.06 -8.59 -20.70
C PRO B 127 10.35 -9.94 -20.58
N THR B 128 9.91 -10.32 -19.38
CA THR B 128 9.22 -11.60 -19.10
C THR B 128 7.77 -11.49 -19.60
N ASN B 129 7.24 -12.58 -20.14
CA ASN B 129 5.86 -12.65 -20.67
C ASN B 129 4.91 -13.12 -19.56
N LYS B 130 5.41 -13.87 -18.58
CA LYS B 130 4.55 -14.61 -17.61
C LYS B 130 4.89 -14.19 -16.18
N PRO B 131 3.88 -14.07 -15.30
CA PRO B 131 4.10 -13.92 -13.87
C PRO B 131 4.96 -15.05 -13.29
N SER B 132 5.72 -14.71 -12.24
CA SER B 132 6.48 -15.68 -11.43
C SER B 132 5.50 -16.75 -10.95
N VAL B 133 6.02 -17.96 -10.68
CA VAL B 133 5.39 -18.92 -9.73
C VAL B 133 5.02 -18.10 -8.49
N PRO B 134 3.83 -18.34 -7.88
CA PRO B 134 3.40 -17.54 -6.74
C PRO B 134 4.43 -17.64 -5.60
N ILE B 135 4.76 -16.50 -4.98
CA ILE B 135 5.73 -16.40 -3.85
C ILE B 135 5.00 -15.90 -2.60
N LEU B 136 5.12 -16.66 -1.50
CA LEU B 136 4.80 -16.25 -0.11
C LEU B 136 6.13 -15.89 0.61
N ALA B 137 6.29 -14.64 1.01
CA ALA B 137 7.58 -14.06 1.47
C ALA B 137 7.56 -13.86 2.99
N ILE B 138 8.56 -14.40 3.68
CA ILE B 138 8.70 -14.34 5.17
C ILE B 138 10.09 -13.81 5.52
N PRO B 139 10.24 -12.48 5.67
CA PRO B 139 11.54 -11.90 6.02
C PRO B 139 11.98 -12.28 7.43
N THR B 140 13.29 -12.49 7.61
CA THR B 140 13.94 -12.80 8.91
C THR B 140 14.96 -11.73 9.29
N THR B 141 15.18 -10.73 8.42
CA THR B 141 15.97 -9.52 8.73
C THR B 141 15.04 -8.30 8.68
N ALA B 142 15.48 -7.18 9.26
CA ALA B 142 14.72 -5.93 9.37
C ALA B 142 15.59 -4.75 8.98
N GLY B 143 15.91 -4.62 7.69
CA GLY B 143 15.50 -5.56 6.66
C GLY B 143 15.64 -4.94 5.26
N THR B 144 15.55 -5.77 4.22
CA THR B 144 15.77 -5.37 2.79
C THR B 144 14.46 -4.95 2.13
N ALA B 145 13.33 -5.27 2.74
CA ALA B 145 11.97 -5.11 2.16
C ALA B 145 11.85 -5.85 0.81
N ALA B 146 12.65 -6.89 0.58
CA ALA B 146 12.60 -7.73 -0.63
C ALA B 146 11.19 -8.32 -0.82
N GLU B 147 10.45 -8.53 0.26
CA GLU B 147 9.07 -9.07 0.23
C GLU B 147 8.09 -8.13 -0.50
N VAL B 148 8.38 -6.82 -0.62
CA VAL B 148 7.41 -5.84 -1.21
C VAL B 148 7.98 -5.17 -2.46
N THR B 149 9.26 -5.33 -2.79
CA THR B 149 9.85 -4.67 -3.99
C THR B 149 9.65 -5.58 -5.20
N ILE B 150 9.85 -5.02 -6.41
CA ILE B 150 9.85 -5.80 -7.68
C ILE B 150 11.30 -6.04 -8.12
N ASN B 151 12.26 -5.83 -7.22
CA ASN B 151 13.72 -5.95 -7.49
C ASN B 151 14.24 -7.27 -6.91
N TYR B 152 15.25 -7.84 -7.58
CA TYR B 152 16.15 -8.85 -7.00
C TYR B 152 17.54 -8.65 -7.60
N VAL B 153 18.54 -8.92 -6.76
CA VAL B 153 19.98 -8.65 -7.08
C VAL B 153 20.73 -9.97 -7.00
N ILE B 154 21.36 -10.36 -8.12
CA ILE B 154 22.12 -11.62 -8.25
C ILE B 154 23.57 -11.26 -8.55
N THR B 155 24.52 -12.03 -8.01
CA THR B 155 25.97 -11.87 -8.28
C THR B 155 26.37 -12.74 -9.47
N ASP B 156 26.92 -12.12 -10.50
CA ASP B 156 27.59 -12.79 -11.64
C ASP B 156 29.06 -12.98 -11.26
N GLU B 157 29.40 -14.17 -10.75
CA GLU B 157 30.75 -14.50 -10.22
C GLU B 157 31.80 -14.35 -11.33
N GLU B 158 31.53 -14.88 -12.52
CA GLU B 158 32.46 -14.87 -13.68
C GLU B 158 32.80 -13.42 -14.07
N LYS B 159 31.83 -12.50 -14.06
CA LYS B 159 32.02 -11.08 -14.46
C LYS B 159 32.18 -10.17 -13.24
N ARG B 160 32.15 -10.73 -12.02
CA ARG B 160 32.42 -9.99 -10.76
C ARG B 160 31.55 -8.71 -10.70
N ARG B 161 30.23 -8.87 -10.79
CA ARG B 161 29.26 -7.74 -10.72
C ARG B 161 27.93 -8.24 -10.15
N LYS B 162 27.33 -7.43 -9.26
CA LYS B 162 25.93 -7.57 -8.79
C LYS B 162 25.04 -6.89 -9.84
N PHE B 163 24.09 -7.62 -10.43
CA PHE B 163 23.12 -7.06 -11.39
C PHE B 163 21.72 -7.08 -10.76
N VAL B 164 20.99 -5.99 -10.97
CA VAL B 164 19.62 -5.75 -10.42
C VAL B 164 18.62 -6.14 -11.51
N CYS B 165 17.65 -6.98 -11.15
CA CYS B 165 16.51 -7.36 -12.02
C CYS B 165 15.26 -6.66 -11.51
N VAL B 166 14.52 -6.02 -12.42
CA VAL B 166 13.32 -5.19 -12.13
C VAL B 166 12.15 -5.75 -12.93
N ASP B 167 11.14 -6.31 -12.26
CA ASP B 167 10.06 -7.03 -12.98
C ASP B 167 8.80 -7.09 -12.13
N PRO B 168 7.72 -6.38 -12.54
CA PRO B 168 6.44 -6.46 -11.85
C PRO B 168 5.98 -7.91 -11.68
N HIS B 169 6.35 -8.81 -12.60
CA HIS B 169 5.98 -10.24 -12.54
C HIS B 169 6.54 -10.96 -11.29
N ASP B 170 7.48 -10.38 -10.54
CA ASP B 170 8.13 -11.10 -9.42
C ASP B 170 7.50 -10.74 -8.07
N ILE B 171 6.46 -9.89 -8.03
CA ILE B 171 5.92 -9.36 -6.74
C ILE B 171 5.34 -10.54 -5.96
N PRO B 172 5.72 -10.75 -4.68
CA PRO B 172 5.06 -11.78 -3.87
C PRO B 172 3.55 -11.55 -3.72
N GLN B 173 2.79 -12.65 -3.76
CA GLN B 173 1.33 -12.68 -3.56
C GLN B 173 0.99 -12.28 -2.12
N VAL B 174 1.74 -12.81 -1.16
CA VAL B 174 1.53 -12.51 0.29
C VAL B 174 2.89 -12.33 0.96
N ALA B 175 2.98 -11.30 1.79
CA ALA B 175 4.12 -11.08 2.71
C ALA B 175 3.62 -11.31 4.13
N PHE B 176 4.45 -11.95 4.94
CA PHE B 176 4.20 -12.23 6.38
C PHE B 176 5.34 -11.59 7.15
N ILE B 177 5.06 -10.45 7.78
CA ILE B 177 6.06 -9.58 8.46
C ILE B 177 5.91 -9.81 9.97
N ASP B 178 6.74 -10.71 10.52
CA ASP B 178 6.53 -11.37 11.84
C ASP B 178 7.82 -11.24 12.65
N ALA B 179 7.88 -10.28 13.58
CA ALA B 179 9.11 -9.98 14.34
C ALA B 179 9.60 -11.23 15.09
N ASP B 180 8.72 -12.20 15.40
CA ASP B 180 9.12 -13.52 15.97
C ASP B 180 10.15 -14.22 15.08
N MET B 181 10.09 -14.03 13.76
CA MET B 181 11.03 -14.66 12.80
C MET B 181 12.37 -13.91 12.77
N MET B 182 12.43 -12.73 13.39
CA MET B 182 13.57 -11.77 13.31
C MET B 182 14.36 -11.71 14.63
N ASP B 183 13.78 -12.15 15.75
CA ASP B 183 14.32 -11.94 17.13
C ASP B 183 15.72 -12.56 17.28
N GLY B 184 16.04 -13.59 16.48
CA GLY B 184 17.31 -14.35 16.56
C GLY B 184 18.48 -13.65 15.88
N MET B 185 18.25 -12.58 15.13
CA MET B 185 19.34 -11.79 14.49
C MET B 185 20.37 -11.43 15.56
N PRO B 186 21.66 -11.72 15.38
CA PRO B 186 22.69 -11.11 16.22
C PRO B 186 22.55 -9.59 16.22
N PRO B 187 22.80 -8.91 17.37
CA PRO B 187 22.78 -7.45 17.43
C PRO B 187 23.45 -6.75 16.23
N ALA B 188 24.61 -7.25 15.78
CA ALA B 188 25.36 -6.65 14.64
C ALA B 188 24.54 -6.79 13.34
N LEU B 189 23.77 -7.85 13.17
CA LEU B 189 22.92 -8.06 11.96
C LEU B 189 21.69 -7.13 12.03
N LYS B 190 21.12 -6.94 13.23
CA LYS B 190 20.01 -5.99 13.48
C LYS B 190 20.49 -4.58 13.10
N ALA B 191 21.71 -4.25 13.50
CA ALA B 191 22.33 -2.93 13.24
C ALA B 191 22.48 -2.72 11.73
N ALA B 192 23.11 -3.67 11.02
CA ALA B 192 23.46 -3.55 9.59
C ALA B 192 22.18 -3.50 8.74
N THR B 193 21.25 -4.43 8.97
CA THR B 193 19.98 -4.50 8.19
C THR B 193 19.09 -3.31 8.55
N GLY B 194 19.13 -2.82 9.79
CA GLY B 194 18.37 -1.63 10.20
C GLY B 194 18.85 -0.38 9.45
N VAL B 195 20.15 -0.26 9.20
CA VAL B 195 20.69 0.95 8.52
C VAL B 195 20.51 0.77 7.01
N ASP B 196 20.44 -0.47 6.50
CA ASP B 196 20.00 -0.73 5.11
C ASP B 196 18.56 -0.18 4.95
N ALA B 197 17.66 -0.51 5.88
CA ALA B 197 16.26 -0.03 5.92
C ALA B 197 16.23 1.50 5.92
N LEU B 198 17.02 2.13 6.80
CA LEU B 198 17.11 3.61 6.86
C LEU B 198 17.62 4.13 5.52
N THR B 199 18.60 3.47 4.91
CA THR B 199 19.17 3.88 3.59
C THR B 199 18.06 3.84 2.52
N HIS B 200 17.23 2.79 2.50
CA HIS B 200 16.09 2.68 1.54
C HIS B 200 15.15 3.87 1.72
N ALA B 201 14.83 4.21 2.96
CA ALA B 201 13.85 5.26 3.33
C ALA B 201 14.45 6.62 2.92
N ILE B 202 15.74 6.86 3.18
CA ILE B 202 16.38 8.18 2.90
C ILE B 202 16.59 8.32 1.39
N GLU B 203 17.19 7.33 0.73
CA GLU B 203 17.42 7.37 -0.74
C GLU B 203 16.07 7.49 -1.48
N GLY B 204 15.05 6.75 -1.02
CA GLY B 204 13.67 6.80 -1.54
C GLY B 204 13.07 8.19 -1.41
N TYR B 205 13.26 8.84 -0.26
CA TYR B 205 12.70 10.17 0.04
C TYR B 205 13.25 11.22 -0.95
N ILE B 206 14.52 11.11 -1.35
CA ILE B 206 15.22 12.18 -2.11
C ILE B 206 15.47 11.76 -3.57
N THR B 207 15.01 10.58 -3.98
CA THR B 207 15.27 10.06 -5.36
C THR B 207 14.58 10.97 -6.38
N ARG B 208 15.09 11.01 -7.62
CA ARG B 208 14.57 11.85 -8.73
C ARG B 208 13.05 11.63 -8.93
N GLY B 209 12.55 10.40 -8.83
CA GLY B 209 11.15 10.06 -9.14
C GLY B 209 10.21 10.19 -7.94
N ALA B 210 10.66 10.77 -6.82
CA ALA B 210 9.86 10.90 -5.58
C ALA B 210 8.59 11.71 -5.87
N TRP B 211 7.45 11.29 -5.31
CA TRP B 211 6.16 12.02 -5.39
C TRP B 211 5.41 11.87 -4.05
N ALA B 212 4.22 12.48 -3.94
CA ALA B 212 3.53 12.75 -2.66
C ALA B 212 3.37 11.47 -1.85
N LEU B 213 2.93 10.38 -2.48
CA LEU B 213 2.56 9.15 -1.73
C LEU B 213 3.84 8.49 -1.19
N THR B 214 4.91 8.41 -2.00
CA THR B 214 6.18 7.76 -1.59
C THR B 214 6.83 8.60 -0.48
N ASP B 215 6.77 9.93 -0.59
CA ASP B 215 7.33 10.87 0.43
C ASP B 215 6.69 10.57 1.79
N ALA B 216 5.37 10.43 1.82
CA ALA B 216 4.59 10.17 3.06
C ALA B 216 5.03 8.84 3.68
N LEU B 217 5.19 7.79 2.86
CA LEU B 217 5.57 6.44 3.35
C LEU B 217 7.01 6.49 3.88
N HIS B 218 7.93 7.05 3.08
CA HIS B 218 9.39 7.11 3.38
C HIS B 218 9.64 7.93 4.64
N ILE B 219 9.01 9.09 4.83
CA ILE B 219 9.32 9.94 6.01
C ILE B 219 8.78 9.24 7.26
N LYS B 220 7.71 8.45 7.11
CA LYS B 220 7.15 7.63 8.21
C LYS B 220 8.14 6.50 8.55
N ALA B 221 8.69 5.81 7.54
CA ALA B 221 9.69 4.73 7.73
C ALA B 221 10.92 5.30 8.47
N ILE B 222 11.43 6.47 8.05
CA ILE B 222 12.61 7.09 8.71
C ILE B 222 12.28 7.32 10.18
N GLU B 223 11.09 7.85 10.46
CA GLU B 223 10.65 8.16 11.85
C GLU B 223 10.62 6.87 12.66
N ILE B 224 10.06 5.80 12.09
CA ILE B 224 9.88 4.50 12.83
C ILE B 224 11.27 3.91 13.11
N ILE B 225 12.14 3.85 12.11
CA ILE B 225 13.47 3.19 12.22
C ILE B 225 14.34 3.99 13.20
N ALA B 226 14.44 5.31 13.05
CA ALA B 226 15.22 6.20 13.94
C ALA B 226 14.76 6.04 15.39
N GLY B 227 13.46 5.87 15.62
CA GLY B 227 12.89 5.68 16.97
C GLY B 227 13.22 4.33 17.59
N ALA B 228 13.40 3.28 16.77
CA ALA B 228 13.40 1.87 17.23
C ALA B 228 14.77 1.19 17.11
N LEU B 229 15.67 1.62 16.22
CA LEU B 229 16.84 0.78 15.88
C LEU B 229 17.74 0.57 17.10
N ARG B 230 18.07 1.63 17.86
CA ARG B 230 18.94 1.48 19.06
C ARG B 230 18.31 0.45 20.01
N GLY B 231 17.02 0.60 20.32
CA GLY B 231 16.29 -0.30 21.22
C GLY B 231 16.28 -1.73 20.73
N SER B 232 16.13 -1.94 19.42
CA SER B 232 16.10 -3.30 18.84
C SER B 232 17.47 -3.98 19.02
N VAL B 233 18.54 -3.29 18.64
CA VAL B 233 19.94 -3.78 18.78
C VAL B 233 20.19 -4.19 20.23
N ALA B 234 19.64 -3.43 21.19
CA ALA B 234 19.78 -3.65 22.65
C ALA B 234 18.94 -4.84 23.12
N GLY B 235 18.05 -5.36 22.28
CA GLY B 235 17.28 -6.59 22.55
C GLY B 235 15.83 -6.33 22.94
N ASP B 236 15.33 -5.10 22.79
CA ASP B 236 13.95 -4.74 23.18
C ASP B 236 12.94 -5.38 22.21
N LYS B 237 11.98 -6.14 22.75
CA LYS B 237 10.92 -6.88 22.00
C LYS B 237 10.09 -5.92 21.13
N ASP B 238 9.52 -4.88 21.73
CA ASP B 238 8.59 -3.93 21.04
C ASP B 238 9.36 -3.16 19.94
N ALA B 239 10.62 -2.81 20.21
CA ALA B 239 11.49 -2.11 19.23
C ALA B 239 11.72 -3.02 18.01
N GLY B 240 11.79 -4.34 18.23
CA GLY B 240 11.92 -5.36 17.16
C GLY B 240 10.69 -5.37 16.27
N GLU B 241 9.50 -5.30 16.88
CA GLU B 241 8.21 -5.25 16.14
C GLU B 241 8.14 -3.95 15.33
N GLU B 242 8.55 -2.81 15.89
CA GLU B 242 8.51 -1.51 15.17
C GLU B 242 9.47 -1.55 13.98
N MET B 243 10.66 -2.11 14.15
CA MET B 243 11.65 -2.26 13.05
C MET B 243 11.06 -3.12 11.93
N ALA B 244 10.32 -4.20 12.26
CA ALA B 244 9.72 -5.10 11.25
C ALA B 244 8.77 -4.29 10.35
N LEU B 245 7.98 -3.39 10.93
CA LEU B 245 7.06 -2.50 10.16
C LEU B 245 7.87 -1.46 9.39
N GLY B 246 8.77 -0.76 10.08
CA GLY B 246 9.63 0.29 9.50
C GLY B 246 10.34 -0.16 8.24
N GLN B 247 11.02 -1.30 8.31
CA GLN B 247 11.83 -1.84 7.19
C GLN B 247 10.90 -2.09 5.99
N TYR B 248 9.66 -2.56 6.23
CA TYR B 248 8.68 -2.86 5.17
C TYR B 248 8.22 -1.56 4.51
N VAL B 249 7.86 -0.56 5.33
CA VAL B 249 7.34 0.74 4.83
C VAL B 249 8.44 1.39 3.98
N ALA B 250 9.70 1.24 4.39
CA ALA B 250 10.90 1.78 3.71
C ALA B 250 11.00 1.27 2.26
N GLY B 251 10.49 0.05 1.99
CA GLY B 251 10.59 -0.62 0.68
C GLY B 251 9.42 -0.35 -0.25
N MET B 252 8.29 0.12 0.28
CA MET B 252 7.06 0.42 -0.51
C MET B 252 7.36 1.47 -1.59
N GLY B 253 8.46 2.23 -1.46
CA GLY B 253 8.93 3.20 -2.48
C GLY B 253 10.09 2.71 -3.34
N ILE B 254 10.96 1.83 -2.82
CA ILE B 254 12.26 1.41 -3.44
C ILE B 254 12.11 1.27 -4.97
N SER B 255 11.28 0.32 -5.42
CA SER B 255 11.18 -0.04 -6.85
C SER B 255 10.11 0.84 -7.54
N ASN B 256 9.24 1.49 -6.77
CA ASN B 256 8.19 2.38 -7.32
C ASN B 256 8.78 3.73 -7.76
N VAL B 257 9.79 4.27 -7.06
CA VAL B 257 10.40 5.61 -7.38
C VAL B 257 11.92 5.50 -7.60
N GLY B 258 12.62 4.59 -6.91
CA GLY B 258 14.07 4.35 -7.07
C GLY B 258 14.86 4.68 -5.83
N LEU B 259 16.19 4.61 -5.93
CA LEU B 259 17.14 4.87 -4.83
C LEU B 259 18.17 5.87 -5.34
N GLY B 260 19.46 5.56 -5.21
CA GLY B 260 20.53 6.44 -5.69
C GLY B 260 21.90 5.84 -5.48
N LEU B 261 22.85 6.72 -5.19
CA LEU B 261 24.30 6.47 -5.30
C LEU B 261 24.76 5.61 -4.11
N VAL B 262 24.03 5.62 -2.99
CA VAL B 262 24.43 4.76 -1.83
C VAL B 262 24.38 3.30 -2.32
N HIS B 263 23.24 2.88 -2.85
CA HIS B 263 23.02 1.51 -3.38
C HIS B 263 23.92 1.27 -4.61
N GLY B 264 24.02 2.29 -5.46
CA GLY B 264 24.94 2.30 -6.62
C GLY B 264 26.36 1.95 -6.22
N MET B 265 26.82 2.46 -5.06
CA MET B 265 28.22 2.33 -4.58
C MET B 265 28.38 1.09 -3.68
N ALA B 266 27.30 0.63 -3.04
CA ALA B 266 27.29 -0.57 -2.17
C ALA B 266 27.39 -1.85 -3.00
N HIS B 267 26.77 -1.89 -4.19
CA HIS B 267 26.68 -3.12 -5.02
C HIS B 267 28.08 -3.58 -5.44
N PRO B 268 28.96 -2.74 -6.02
CA PRO B 268 30.32 -3.18 -6.37
C PRO B 268 31.12 -3.76 -5.19
N LEU B 269 30.90 -3.28 -3.97
CA LEU B 269 31.58 -3.81 -2.76
C LEU B 269 31.12 -5.26 -2.51
N GLY B 270 29.82 -5.51 -2.61
CA GLY B 270 29.25 -6.86 -2.61
C GLY B 270 29.89 -7.76 -3.66
N ALA B 271 30.06 -7.28 -4.88
CA ALA B 271 30.58 -8.08 -6.02
C ALA B 271 32.08 -8.36 -5.84
N PHE B 272 32.86 -7.39 -5.36
CA PHE B 272 34.35 -7.49 -5.26
C PHE B 272 34.77 -8.28 -4.01
N TYR B 273 34.09 -8.06 -2.89
CA TYR B 273 34.58 -8.48 -1.54
C TYR B 273 33.57 -9.35 -0.78
N ASN B 274 32.32 -9.44 -1.25
CA ASN B 274 31.24 -10.16 -0.53
C ASN B 274 30.95 -9.41 0.78
N THR B 275 31.15 -8.09 0.78
CA THR B 275 30.79 -7.20 1.91
C THR B 275 29.30 -7.35 2.21
N PRO B 276 28.90 -7.50 3.49
CA PRO B 276 27.50 -7.39 3.86
C PRO B 276 26.91 -6.08 3.32
N HIS B 277 25.79 -6.22 2.61
CA HIS B 277 25.05 -5.11 1.94
C HIS B 277 24.75 -4.00 2.94
N GLY B 278 24.26 -4.35 4.14
CA GLY B 278 23.88 -3.40 5.20
C GLY B 278 25.06 -2.57 5.67
N VAL B 279 26.20 -3.21 5.93
CA VAL B 279 27.43 -2.52 6.42
C VAL B 279 27.92 -1.56 5.33
N ALA B 280 27.95 -2.00 4.08
CA ALA B 280 28.39 -1.16 2.94
C ALA B 280 27.51 0.10 2.87
N ASN B 281 26.19 -0.08 2.89
CA ASN B 281 25.22 1.05 2.83
C ASN B 281 25.47 1.98 4.02
N ALA B 282 25.56 1.43 5.23
CA ALA B 282 25.66 2.18 6.50
C ALA B 282 26.88 3.10 6.46
N ILE B 283 28.02 2.59 6.00
CA ILE B 283 29.28 3.36 5.91
C ILE B 283 29.14 4.47 4.88
N LEU B 284 28.56 4.17 3.71
CA LEU B 284 28.48 5.12 2.56
C LEU B 284 27.41 6.18 2.80
N LEU B 285 26.31 5.84 3.51
CA LEU B 285 25.08 6.68 3.58
C LEU B 285 25.41 8.15 3.88
N PRO B 286 26.03 8.48 5.03
CA PRO B 286 26.20 9.89 5.42
C PRO B 286 27.12 10.67 4.45
N HIS B 287 28.11 10.01 3.83
CA HIS B 287 29.02 10.63 2.84
C HIS B 287 28.22 10.99 1.58
N VAL B 288 27.35 10.09 1.11
CA VAL B 288 26.49 10.32 -0.09
C VAL B 288 25.46 11.41 0.23
N MET B 289 24.89 11.38 1.44
CA MET B 289 23.93 12.42 1.89
C MET B 289 24.59 13.81 1.82
N ARG B 290 25.87 13.91 2.20
CA ARG B 290 26.62 15.20 2.22
C ARG B 290 26.77 15.67 0.76
N TYR B 291 27.13 14.76 -0.14
CA TYR B 291 27.31 15.01 -1.59
C TYR B 291 25.98 15.50 -2.22
N ASN B 292 24.87 14.90 -1.80
CA ASN B 292 23.52 15.11 -2.39
C ASN B 292 22.85 16.37 -1.84
N ALA B 293 23.27 16.88 -0.68
CA ALA B 293 22.50 17.77 0.23
C ALA B 293 21.86 18.94 -0.53
N ASP B 294 22.59 19.59 -1.45
CA ASP B 294 22.14 20.84 -2.13
C ASP B 294 20.98 20.54 -3.09
N PHE B 295 20.77 19.28 -3.46
CA PHE B 295 19.78 18.88 -4.49
C PHE B 295 18.56 18.21 -3.86
N THR B 296 18.28 18.48 -2.58
CA THR B 296 17.26 17.76 -1.78
C THR B 296 16.19 18.73 -1.22
N GLY B 297 16.12 19.96 -1.72
CA GLY B 297 15.16 20.97 -1.23
C GLY B 297 15.16 21.02 0.30
N GLU B 298 13.98 20.91 0.91
CA GLU B 298 13.76 21.02 2.38
C GLU B 298 13.86 19.64 3.05
N LYS B 299 14.07 18.57 2.28
CA LYS B 299 13.84 17.18 2.76
C LYS B 299 14.77 16.83 3.94
N TYR B 300 16.00 17.35 4.01
CA TYR B 300 16.93 16.98 5.12
C TYR B 300 16.42 17.56 6.44
N ARG B 301 15.65 18.67 6.41
CA ARG B 301 15.04 19.23 7.64
C ARG B 301 14.05 18.22 8.20
N ASP B 302 13.24 17.61 7.32
CA ASP B 302 12.25 16.56 7.65
C ASP B 302 12.99 15.37 8.28
N ILE B 303 14.06 14.91 7.63
CA ILE B 303 14.89 13.75 8.08
C ILE B 303 15.44 14.06 9.48
N ALA B 304 16.11 15.20 9.65
CA ALA B 304 16.70 15.63 10.93
C ALA B 304 15.64 15.65 12.03
N ARG B 305 14.46 16.21 11.73
CA ARG B 305 13.35 16.38 12.71
C ARG B 305 12.88 15.01 13.21
N VAL B 306 12.58 14.07 12.33
CA VAL B 306 11.99 12.75 12.74
C VAL B 306 13.09 11.89 13.39
N MET B 307 14.37 12.19 13.15
CA MET B 307 15.52 11.48 13.78
C MET B 307 15.82 12.05 15.18
N GLY B 308 15.09 13.10 15.60
CA GLY B 308 15.11 13.63 16.98
C GLY B 308 15.89 14.93 17.11
N VAL B 309 16.33 15.56 16.01
CA VAL B 309 17.02 16.87 16.04
C VAL B 309 15.96 17.99 16.18
N LYS B 310 16.21 18.97 17.04
CA LYS B 310 15.40 20.22 17.13
C LYS B 310 15.82 21.13 15.97
N VAL B 311 15.03 21.18 14.89
CA VAL B 311 15.34 21.89 13.63
C VAL B 311 14.69 23.27 13.62
N GLU B 312 13.78 23.52 14.57
CA GLU B 312 13.11 24.84 14.77
C GLU B 312 14.19 25.90 15.03
N GLY B 313 14.30 26.89 14.13
CA GLY B 313 15.27 27.99 14.27
C GLY B 313 16.59 27.69 13.57
N MET B 314 16.76 26.49 13.00
CA MET B 314 17.96 26.15 12.19
C MET B 314 17.77 26.70 10.77
N SER B 315 18.83 27.22 10.16
CA SER B 315 18.87 27.48 8.69
C SER B 315 18.76 26.13 7.98
N LEU B 316 18.40 26.13 6.70
CA LEU B 316 18.36 24.90 5.87
C LEU B 316 19.78 24.31 5.84
N GLU B 317 20.80 25.16 5.74
CA GLU B 317 22.23 24.75 5.69
C GLU B 317 22.57 23.98 6.97
N GLU B 318 22.16 24.48 8.13
CA GLU B 318 22.43 23.84 9.45
C GLU B 318 21.61 22.55 9.58
N ALA B 319 20.39 22.53 9.06
CA ALA B 319 19.47 21.37 9.20
C ALA B 319 19.96 20.23 8.30
N ARG B 320 20.54 20.56 7.14
CA ARG B 320 21.17 19.58 6.21
C ARG B 320 22.38 18.91 6.90
N ASN B 321 23.22 19.70 7.57
CA ASN B 321 24.41 19.20 8.33
CA ASN B 321 24.41 19.17 8.29
C ASN B 321 23.92 18.33 9.49
N ALA B 322 22.84 18.76 10.15
CA ALA B 322 22.26 18.08 11.34
C ALA B 322 21.74 16.69 10.95
N ALA B 323 21.17 16.54 9.75
CA ALA B 323 20.65 15.25 9.22
C ALA B 323 21.82 14.28 8.98
N VAL B 324 22.88 14.75 8.33
CA VAL B 324 24.12 13.98 8.05
C VAL B 324 24.74 13.53 9.39
N GLU B 325 24.82 14.43 10.37
CA GLU B 325 25.43 14.14 11.69
C GLU B 325 24.54 13.17 12.49
N ALA B 326 23.23 13.23 12.33
CA ALA B 326 22.30 12.28 13.02
C ALA B 326 22.54 10.86 12.49
N VAL B 327 22.86 10.72 11.19
CA VAL B 327 23.13 9.40 10.55
C VAL B 327 24.52 8.91 11.02
N PHE B 328 25.54 9.77 11.09
CA PHE B 328 26.87 9.40 11.62
C PHE B 328 26.71 8.86 13.05
N ALA B 329 25.88 9.50 13.88
CA ALA B 329 25.69 9.21 15.32
C ALA B 329 24.97 7.87 15.53
N LEU B 330 23.90 7.62 14.76
CA LEU B 330 23.18 6.32 14.77
C LEU B 330 24.17 5.19 14.45
N ASN B 331 24.94 5.34 13.36
CA ASN B 331 26.00 4.38 12.95
C ASN B 331 26.96 4.09 14.12
N ARG B 332 27.44 5.14 14.80
CA ARG B 332 28.36 4.99 15.97
C ARG B 332 27.61 4.22 17.07
N ASP B 333 26.37 4.61 17.36
CA ASP B 333 25.58 4.10 18.52
C ASP B 333 25.29 2.59 18.37
N VAL B 334 25.09 2.09 17.14
CA VAL B 334 24.73 0.65 16.90
C VAL B 334 25.98 -0.14 16.46
N GLY B 335 27.15 0.48 16.40
CA GLY B 335 28.46 -0.20 16.33
C GLY B 335 28.87 -0.58 14.92
N ILE B 336 28.47 0.21 13.93
CA ILE B 336 28.86 0.01 12.51
C ILE B 336 30.22 0.66 12.32
N PRO B 337 31.22 -0.06 11.74
CA PRO B 337 32.55 0.52 11.54
C PRO B 337 32.43 1.79 10.69
N PRO B 338 33.24 2.84 10.95
CA PRO B 338 33.13 4.10 10.19
C PRO B 338 33.82 4.20 8.82
N HIS B 339 34.73 3.28 8.49
CA HIS B 339 35.57 3.36 7.26
C HIS B 339 35.52 2.07 6.46
N LEU B 340 35.56 2.18 5.13
CA LEU B 340 35.55 1.03 4.19
C LEU B 340 36.81 0.17 4.39
N ARG B 341 37.92 0.78 4.81
CA ARG B 341 39.19 0.03 5.05
C ARG B 341 38.95 -1.02 6.15
N ASP B 342 38.09 -0.70 7.13
CA ASP B 342 37.83 -1.56 8.32
C ASP B 342 37.09 -2.85 7.93
N VAL B 343 36.51 -2.94 6.73
CA VAL B 343 35.60 -4.06 6.32
C VAL B 343 36.11 -4.74 5.05
N GLY B 344 37.34 -4.49 4.61
CA GLY B 344 38.04 -5.34 3.62
C GLY B 344 38.16 -4.70 2.24
N VAL B 345 37.93 -3.39 2.10
CA VAL B 345 38.07 -2.68 0.81
C VAL B 345 39.55 -2.37 0.58
N ARG B 346 40.00 -2.37 -0.68
CA ARG B 346 41.36 -1.96 -1.10
C ARG B 346 41.31 -0.64 -1.87
N LYS B 347 42.16 0.33 -1.49
CA LYS B 347 42.37 1.61 -2.21
C LYS B 347 42.54 1.35 -3.71
N GLU B 348 43.35 0.35 -4.07
CA GLU B 348 43.74 0.00 -5.47
C GLU B 348 42.50 -0.28 -6.32
N ASP B 349 41.38 -0.72 -5.73
CA ASP B 349 40.17 -1.16 -6.49
C ASP B 349 39.23 0.01 -6.78
N ILE B 350 39.42 1.18 -6.17
CA ILE B 350 38.43 2.31 -6.20
C ILE B 350 38.13 2.72 -7.64
N PRO B 351 39.12 2.89 -8.55
CA PRO B 351 38.82 3.19 -9.96
C PRO B 351 37.81 2.23 -10.61
N ALA B 352 38.00 0.91 -10.38
CA ALA B 352 37.14 -0.18 -10.89
C ALA B 352 35.76 -0.14 -10.21
N LEU B 353 35.73 0.06 -8.88
CA LEU B 353 34.48 0.19 -8.08
C LEU B 353 33.65 1.38 -8.59
N ALA B 354 34.30 2.52 -8.85
CA ALA B 354 33.66 3.78 -9.28
C ALA B 354 32.94 3.57 -10.62
N GLN B 355 33.61 2.92 -11.59
CA GLN B 355 33.03 2.64 -12.93
C GLN B 355 31.77 1.77 -12.79
N ALA B 356 31.86 0.70 -11.98
CA ALA B 356 30.75 -0.26 -11.73
C ALA B 356 29.59 0.48 -11.03
N ALA B 357 29.90 1.38 -10.11
CA ALA B 357 28.93 2.25 -9.40
C ALA B 357 28.27 3.20 -10.40
N LEU B 358 29.06 3.83 -11.27
CA LEU B 358 28.56 4.80 -12.29
C LEU B 358 27.55 4.09 -13.20
N ASP B 359 27.77 2.80 -13.52
CA ASP B 359 26.91 2.01 -14.44
C ASP B 359 25.80 1.26 -13.70
N ASP B 360 25.75 1.30 -12.36
CA ASP B 360 24.72 0.57 -11.56
C ASP B 360 23.36 1.23 -11.78
N VAL B 361 22.30 0.42 -11.90
CA VAL B 361 20.88 0.86 -12.13
C VAL B 361 20.51 1.96 -11.13
N CYS B 362 20.81 1.75 -9.84
CA CYS B 362 20.37 2.62 -8.72
C CYS B 362 20.92 4.05 -8.86
N THR B 363 22.13 4.20 -9.41
CA THR B 363 22.86 5.50 -9.48
C THR B 363 21.99 6.54 -10.21
N GLY B 364 21.24 6.11 -11.24
CA GLY B 364 20.40 6.98 -12.11
C GLY B 364 19.34 7.76 -11.35
N GLY B 365 18.87 7.25 -10.20
CA GLY B 365 17.83 7.90 -9.38
C GLY B 365 18.39 9.01 -8.48
N ASN B 366 19.71 9.05 -8.32
CA ASN B 366 20.40 9.99 -7.39
C ASN B 366 20.04 11.42 -7.76
N PRO B 367 19.68 12.29 -6.78
CA PRO B 367 19.18 13.63 -7.08
C PRO B 367 20.29 14.57 -7.59
N ARG B 368 21.56 14.26 -7.32
CA ARG B 368 22.73 14.97 -7.89
C ARG B 368 23.36 14.08 -8.96
N GLU B 369 23.65 14.65 -10.14
CA GLU B 369 24.29 13.89 -11.25
C GLU B 369 25.73 13.58 -10.85
N ALA B 370 26.08 12.29 -10.85
CA ALA B 370 27.39 11.76 -10.38
C ALA B 370 28.29 11.49 -11.58
N THR B 371 29.52 12.03 -11.56
CA THR B 371 30.60 11.69 -12.52
C THR B 371 31.49 10.60 -11.90
N LEU B 372 32.16 9.80 -12.75
CA LEU B 372 33.21 8.83 -12.32
C LEU B 372 34.10 9.49 -11.25
N GLU B 373 34.57 10.71 -11.53
CA GLU B 373 35.52 11.44 -10.68
C GLU B 373 34.87 11.73 -9.31
N ASP B 374 33.59 12.12 -9.29
CA ASP B 374 32.84 12.37 -8.04
C ASP B 374 32.78 11.08 -7.21
N ILE B 375 32.52 9.95 -7.87
CA ILE B 375 32.32 8.62 -7.20
C ILE B 375 33.68 8.14 -6.64
N VAL B 376 34.78 8.38 -7.37
CA VAL B 376 36.17 8.10 -6.92
C VAL B 376 36.43 8.86 -5.61
N GLU B 377 36.17 10.17 -5.59
CA GLU B 377 36.39 11.06 -4.41
C GLU B 377 35.56 10.57 -3.21
N LEU B 378 34.31 10.15 -3.45
CA LEU B 378 33.38 9.67 -2.38
C LEU B 378 33.89 8.39 -1.73
N TYR B 379 34.36 7.43 -2.53
CA TYR B 379 35.01 6.18 -2.03
C TYR B 379 36.23 6.54 -1.16
N HIS B 380 37.08 7.47 -1.64
CA HIS B 380 38.29 7.93 -0.90
C HIS B 380 37.87 8.58 0.42
N THR B 381 36.76 9.32 0.44
CA THR B 381 36.23 9.99 1.66
C THR B 381 35.79 8.95 2.70
N ALA B 382 35.11 7.87 2.27
CA ALA B 382 34.59 6.82 3.16
C ALA B 382 35.68 5.79 3.50
N TRP B 383 36.78 5.81 2.75
CA TRP B 383 37.91 4.85 2.83
C TRP B 383 38.51 4.85 4.25
N THR B 384 38.97 6.02 4.70
CA THR B 384 39.73 6.20 5.96
C THR B 384 39.55 7.64 6.45
N SER B 385 40.11 7.98 7.62
CA SER B 385 39.99 9.31 8.28
C SER B 385 40.56 10.42 7.39
#